data_8U04
#
_entry.id   8U04
#
_cell.length_a   51.780
_cell.length_b   186.720
_cell.length_c   71.690
_cell.angle_alpha   90.000
_cell.angle_beta   111.120
_cell.angle_gamma   90.000
#
_symmetry.space_group_name_H-M   'P 1 21 1'
#
loop_
_entity.id
_entity.type
_entity.pdbx_description
1 polymer RedE
2 polymer RedE
3 non-polymer 'IODIDE ION'
4 non-polymer 'CHLORIDE ION'
5 non-polymer GLYCEROL
6 non-polymer 1,2-ETHANEDIOL
7 water water
#
loop_
_entity_poly.entity_id
_entity_poly.type
_entity_poly.pdbx_seq_one_letter_code
_entity_poly.pdbx_strand_id
1 'polypeptide(L)'
;MGSSHHHHHHSSGLVPRGSHMGAKVTVLGLGPMGAALAGAFLAAGHRTTVWNRTPGKGGSLAGEGATEVASAAEAVAASP
LVVVCLATYEAVHEVLDPLADELAGRTVVNLTSGSPVHARETANWAQQHGAEYLDGVIMTTPSGIGKPDYLLLYSGSQAA
FDGSRGTL(CME)ALGEPMNLGTDAAMASVYDTALLGLMWGTLTGWLHGVALMGADGPGGNVTATAFTEVANRWMKTVGV
FMNTYAPHVDAGHYPGDEFTLHLHHRTMNILAHASELRGVVSGLPELLTELTGRAITAGHGNDSYARLVEFIRKDGSPI
;
A,B,C
2 'polypeptide(L)'
;MGSSHHHHHHSSGLVPRGSHMGAKVTVLGLGPMGAALAGAFLAAGHRTTVWNRTPGKGGSLAGEGATEVASAAEAVAASP
LVVVCLATYEAVHEVLDPLADELAGRTVVNLTSGSPVHARETANWAQQHGAEYLDGVIMTTPSGIGKPDYLLLYSGSQAA
FDGSRGTLCALGEPMNLGTDAAMASVYDTALLGLMWGTLTGWLHGVALMGADGPGGNVTATAFTEVANRWMKTVGVFMNT
YAPHVDAGHYPGDEFTLHLHHRTMNILAHASELRGVVSGLPELLTELTGRAITAGHGNDSYARLVEFIRKDGSPI
;
D
#
loop_
_chem_comp.id
_chem_comp.type
_chem_comp.name
_chem_comp.formula
CL non-polymer 'CHLORIDE ION' 'Cl -1'
EDO non-polymer 1,2-ETHANEDIOL 'C2 H6 O2'
GOL non-polymer GLYCEROL 'C3 H8 O3'
IOD non-polymer 'IODIDE ION' 'I -1'
#
# COMPACT_ATOMS: atom_id res chain seq x y z
N SER A 19 30.01 21.52 7.02
CA SER A 19 30.46 21.55 5.63
C SER A 19 29.30 21.70 4.65
N HIS A 20 29.58 21.43 3.37
CA HIS A 20 28.61 21.53 2.28
C HIS A 20 28.13 22.97 2.10
N MET A 21 28.91 23.77 1.39
CA MET A 21 28.57 25.17 1.12
C MET A 21 28.12 25.40 -0.31
N GLY A 22 28.06 24.36 -1.13
CA GLY A 22 27.64 24.50 -2.50
C GLY A 22 26.17 24.87 -2.63
N ALA A 23 25.69 24.81 -3.86
CA ALA A 23 24.32 25.23 -4.16
C ALA A 23 23.31 24.39 -3.39
N LYS A 24 22.20 25.02 -3.01
CA LYS A 24 21.15 24.35 -2.27
C LYS A 24 20.19 23.65 -3.24
N VAL A 25 19.95 22.37 -3.00
CA VAL A 25 19.12 21.56 -3.87
C VAL A 25 18.28 20.61 -3.02
N THR A 26 17.03 20.42 -3.42
CA THR A 26 16.12 19.50 -2.78
C THR A 26 15.82 18.34 -3.73
N VAL A 27 15.77 17.12 -3.18
CA VAL A 27 15.35 15.95 -3.93
C VAL A 27 14.08 15.39 -3.29
N LEU A 28 13.01 15.32 -4.07
CA LEU A 28 11.76 14.70 -3.64
C LEU A 28 11.71 13.27 -4.18
N GLY A 29 11.67 12.30 -3.28
CA GLY A 29 11.64 10.91 -3.66
C GLY A 29 12.93 10.19 -3.34
N LEU A 30 12.88 9.22 -2.43
CA LEU A 30 14.07 8.53 -1.97
C LEU A 30 14.02 7.04 -2.30
N GLY A 31 13.44 6.70 -3.44
CA GLY A 31 13.60 5.38 -4.01
C GLY A 31 15.04 5.17 -4.40
N PRO A 32 15.36 4.04 -5.02
CA PRO A 32 16.76 3.79 -5.43
C PRO A 32 17.35 4.91 -6.26
N MET A 33 16.61 5.43 -7.24
CA MET A 33 17.16 6.48 -8.10
C MET A 33 17.24 7.81 -7.37
N GLY A 34 16.16 8.19 -6.66
CA GLY A 34 16.16 9.45 -5.95
C GLY A 34 17.26 9.53 -4.90
N ALA A 35 17.43 8.45 -4.14
CA ALA A 35 18.51 8.41 -3.15
C ALA A 35 19.88 8.47 -3.82
N ALA A 36 20.01 7.88 -5.01
CA ALA A 36 21.25 8.02 -5.77
C ALA A 36 21.48 9.47 -6.19
N LEU A 37 20.43 10.16 -6.64
CA LEU A 37 20.56 11.57 -6.99
C LEU A 37 21.01 12.40 -5.79
N ALA A 38 20.41 12.14 -4.63
CA ALA A 38 20.78 12.89 -3.43
C ALA A 38 22.25 12.65 -3.07
N GLY A 39 22.68 11.39 -3.11
CA GLY A 39 24.07 11.09 -2.81
C GLY A 39 25.02 11.80 -3.76
N ALA A 40 24.67 11.86 -5.04
CA ALA A 40 25.53 12.52 -6.02
C ALA A 40 25.60 14.02 -5.77
N PHE A 41 24.49 14.62 -5.35
CA PHE A 41 24.51 16.04 -4.97
C PHE A 41 25.38 16.25 -3.74
N LEU A 42 25.28 15.35 -2.76
CA LEU A 42 26.11 15.45 -1.56
C LEU A 42 27.59 15.32 -1.89
N ALA A 43 27.93 14.31 -2.71
CA ALA A 43 29.33 14.07 -3.06
C ALA A 43 29.95 15.27 -3.76
N ALA A 44 29.14 16.03 -4.50
CA ALA A 44 29.62 17.23 -5.15
C ALA A 44 29.68 18.44 -4.21
N GLY A 45 29.22 18.28 -2.97
CA GLY A 45 29.33 19.34 -1.99
C GLY A 45 28.13 20.26 -1.87
N HIS A 46 26.97 19.87 -2.41
CA HIS A 46 25.81 20.73 -2.42
C HIS A 46 25.03 20.57 -1.11
N ARG A 47 24.48 21.69 -0.63
CA ARG A 47 23.59 21.68 0.53
C ARG A 47 22.29 21.00 0.11
N THR A 48 22.09 19.76 0.53
CA THR A 48 21.08 18.88 -0.04
C THR A 48 20.03 18.55 1.01
N THR A 49 18.77 18.89 0.70
CA THR A 49 17.63 18.55 1.53
C THR A 49 16.83 17.46 0.83
N VAL A 50 16.43 16.43 1.57
CA VAL A 50 15.77 15.28 0.99
C VAL A 50 14.44 15.03 1.69
N TRP A 51 13.50 14.42 0.95
CA TRP A 51 12.19 14.07 1.45
C TRP A 51 11.71 12.82 0.72
N ASN A 52 10.95 11.99 1.42
CA ASN A 52 10.30 10.84 0.82
C ASN A 52 8.89 10.69 1.39
N ARG A 53 8.00 10.13 0.58
CA ARG A 53 6.59 9.97 0.99
C ARG A 53 6.45 9.05 2.18
N THR A 54 7.40 8.15 2.42
CA THR A 54 7.41 7.29 3.60
C THR A 54 8.74 7.41 4.31
N PRO A 55 8.74 7.39 5.64
CA PRO A 55 9.98 7.56 6.40
C PRO A 55 10.83 6.30 6.39
N GLY A 56 12.06 6.45 6.86
CA GLY A 56 12.98 5.34 6.96
C GLY A 56 13.69 4.97 5.68
N LYS A 57 13.52 5.74 4.62
CA LYS A 57 14.15 5.46 3.33
C LYS A 57 15.26 6.46 3.01
N GLY A 58 15.78 7.14 4.03
CA GLY A 58 16.92 8.03 3.83
C GLY A 58 18.24 7.31 3.84
N GLY A 59 18.38 6.27 4.65
CA GLY A 59 19.62 5.53 4.69
C GLY A 59 20.73 6.36 5.34
N SER A 60 21.91 6.30 4.75
CA SER A 60 23.07 7.02 5.26
C SER A 60 23.18 8.43 4.71
N LEU A 61 22.12 8.95 4.09
CA LEU A 61 22.20 10.27 3.47
C LEU A 61 22.39 11.36 4.52
N ALA A 62 21.67 11.28 5.65
CA ALA A 62 21.80 12.29 6.68
C ALA A 62 23.18 12.26 7.32
N GLY A 63 23.75 11.07 7.48
CA GLY A 63 25.12 10.98 7.96
C GLY A 63 26.14 11.51 6.97
N GLU A 64 25.81 11.48 5.68
CA GLU A 64 26.68 12.00 4.64
C GLU A 64 26.59 13.52 4.50
N GLY A 65 25.68 14.16 5.22
CA GLY A 65 25.56 15.61 5.22
C GLY A 65 24.22 16.15 4.77
N ALA A 66 23.26 15.32 4.37
CA ALA A 66 21.98 15.82 3.90
C ALA A 66 21.04 16.10 5.07
N THR A 67 20.00 16.89 4.80
CA THR A 67 18.95 17.18 5.76
C THR A 67 17.67 16.52 5.26
N GLU A 68 17.13 15.58 6.03
CA GLU A 68 15.84 15.00 5.72
C GLU A 68 14.75 15.72 6.51
N VAL A 69 13.65 16.03 5.82
CA VAL A 69 12.53 16.74 6.41
C VAL A 69 11.27 15.90 6.26
N ALA A 70 10.28 16.19 7.10
CA ALA A 70 9.09 15.36 7.21
C ALA A 70 8.03 15.68 6.16
N SER A 71 8.06 16.87 5.57
CA SER A 71 7.01 17.29 4.65
C SER A 71 7.63 17.77 3.35
N ALA A 72 6.90 17.56 2.24
CA ALA A 72 7.35 18.05 0.95
C ALA A 72 7.37 19.57 0.94
N ALA A 73 6.42 20.21 1.62
CA ALA A 73 6.41 21.67 1.71
C ALA A 73 7.69 22.20 2.33
N GLU A 74 8.19 21.53 3.37
CA GLU A 74 9.42 21.96 4.02
C GLU A 74 10.62 21.73 3.13
N ALA A 75 10.64 20.62 2.39
CA ALA A 75 11.73 20.35 1.46
C ALA A 75 11.78 21.37 0.34
N VAL A 76 10.61 21.73 -0.20
CA VAL A 76 10.54 22.67 -1.31
C VAL A 76 11.03 24.05 -0.87
N ALA A 77 10.67 24.47 0.34
CA ALA A 77 11.07 25.79 0.81
C ALA A 77 12.55 25.89 1.15
N ALA A 78 13.26 24.76 1.14
CA ALA A 78 14.65 24.74 1.59
C ALA A 78 15.66 25.02 0.49
N SER A 79 15.24 24.98 -0.78
CA SER A 79 16.18 25.11 -1.89
C SER A 79 15.52 25.86 -3.03
N PRO A 80 16.28 26.62 -3.81
CA PRO A 80 15.73 27.21 -5.03
C PRO A 80 15.66 26.23 -6.19
N LEU A 81 16.28 25.06 -6.06
CA LEU A 81 16.26 24.02 -7.07
C LEU A 81 15.60 22.78 -6.47
N VAL A 82 14.53 22.31 -7.11
CA VAL A 82 13.76 21.18 -6.61
C VAL A 82 13.80 20.08 -7.66
N VAL A 83 14.53 19.01 -7.38
CA VAL A 83 14.62 17.85 -8.26
C VAL A 83 13.58 16.83 -7.82
N VAL A 84 12.78 16.34 -8.77
CA VAL A 84 11.67 15.43 -8.50
C VAL A 84 11.96 14.09 -9.18
N CYS A 85 11.91 13.01 -8.41
CA CYS A 85 12.12 11.67 -8.95
C CYS A 85 11.22 10.72 -8.15
N LEU A 86 9.97 10.61 -8.58
CA LEU A 86 8.99 9.75 -7.95
C LEU A 86 8.64 8.58 -8.87
N ALA A 87 7.75 7.72 -8.40
CA ALA A 87 7.42 6.51 -9.14
C ALA A 87 6.75 6.83 -10.48
N THR A 88 5.72 7.67 -10.44
CA THR A 88 4.91 7.98 -11.62
C THR A 88 4.63 9.47 -11.64
N TYR A 89 4.09 9.93 -12.77
CA TYR A 89 3.61 11.31 -12.82
C TYR A 89 2.31 11.50 -12.06
N GLU A 90 1.54 10.43 -11.84
CA GLU A 90 0.43 10.51 -10.90
C GLU A 90 0.93 10.91 -9.51
N ALA A 91 1.99 10.26 -9.04
CA ALA A 91 2.59 10.62 -7.76
C ALA A 91 3.20 12.02 -7.81
N VAL A 92 3.81 12.38 -8.95
CA VAL A 92 4.31 13.74 -9.11
C VAL A 92 3.20 14.75 -8.90
N HIS A 93 2.07 14.53 -9.59
CA HIS A 93 0.96 15.47 -9.49
C HIS A 93 0.36 15.49 -8.09
N GLU A 94 0.30 14.34 -7.42
CA GLU A 94 -0.26 14.31 -6.07
C GLU A 94 0.62 15.07 -5.08
N VAL A 95 1.94 15.02 -5.27
CA VAL A 95 2.83 15.73 -4.35
C VAL A 95 2.90 17.22 -4.69
N LEU A 96 2.93 17.56 -5.98
CA LEU A 96 3.15 18.94 -6.39
C LEU A 96 1.89 19.79 -6.38
N ASP A 97 0.73 19.20 -6.64
CA ASP A 97 -0.52 19.97 -6.70
C ASP A 97 -0.77 20.80 -5.46
N PRO A 98 -0.60 20.30 -4.23
CA PRO A 98 -0.84 21.15 -3.05
C PRO A 98 0.23 22.22 -2.84
N LEU A 99 1.36 22.16 -3.54
CA LEU A 99 2.47 23.08 -3.29
C LEU A 99 2.61 24.15 -4.39
N ALA A 100 1.50 24.51 -5.03
CA ALA A 100 1.54 25.45 -6.14
C ALA A 100 2.20 26.77 -5.75
N ASP A 101 1.72 27.39 -4.66
CA ASP A 101 2.32 28.65 -4.22
C ASP A 101 3.70 28.45 -3.64
N GLU A 102 3.98 27.30 -3.03
CA GLU A 102 5.28 27.05 -2.44
C GLU A 102 6.37 27.01 -3.51
N LEU A 103 6.01 26.63 -4.73
CA LEU A 103 6.97 26.46 -5.82
C LEU A 103 7.12 27.71 -6.67
N ALA A 104 6.34 28.76 -6.40
CA ALA A 104 6.44 29.98 -7.19
C ALA A 104 7.84 30.57 -7.10
N GLY A 105 8.44 30.80 -8.26
CA GLY A 105 9.76 31.38 -8.34
C GLY A 105 10.91 30.39 -8.26
N ARG A 106 10.62 29.12 -7.99
CA ARG A 106 11.65 28.10 -7.88
C ARG A 106 11.77 27.34 -9.20
N THR A 107 12.81 26.50 -9.26
CA THR A 107 13.08 25.67 -10.44
C THR A 107 12.75 24.23 -10.10
N VAL A 108 11.88 23.61 -10.89
CA VAL A 108 11.49 22.22 -10.71
C VAL A 108 12.09 21.41 -11.87
N VAL A 109 12.95 20.46 -11.53
CA VAL A 109 13.55 19.53 -12.48
C VAL A 109 12.95 18.15 -12.24
N ASN A 110 12.12 17.70 -13.17
CA ASN A 110 11.34 16.48 -12.98
C ASN A 110 11.97 15.36 -13.80
N LEU A 111 12.72 14.49 -13.12
CA LEU A 111 13.40 13.36 -13.75
C LEU A 111 12.58 12.08 -13.68
N THR A 112 11.33 12.16 -13.24
CA THR A 112 10.43 11.03 -13.28
C THR A 112 10.24 10.55 -14.71
N SER A 113 10.13 9.23 -14.88
CA SER A 113 9.83 8.66 -16.18
C SER A 113 8.33 8.75 -16.46
N GLY A 114 7.98 9.11 -17.68
CA GLY A 114 6.59 9.23 -18.03
C GLY A 114 6.38 9.52 -19.50
N SER A 115 5.15 9.94 -19.81
CA SER A 115 4.69 10.20 -21.17
C SER A 115 4.94 11.64 -21.58
N PRO A 116 5.01 11.92 -22.88
CA PRO A 116 5.17 13.31 -23.31
C PRO A 116 4.01 14.21 -22.87
N VAL A 117 2.80 13.65 -22.84
CA VAL A 117 1.63 14.44 -22.44
C VAL A 117 1.70 14.79 -20.95
N HIS A 118 2.05 13.83 -20.10
CA HIS A 118 2.20 14.12 -18.68
C HIS A 118 3.29 15.16 -18.45
N ALA A 119 4.41 15.05 -19.16
CA ALA A 119 5.44 16.08 -19.07
C ALA A 119 4.88 17.44 -19.47
N ARG A 120 4.05 17.48 -20.50
CA ARG A 120 3.50 18.75 -20.97
C ARG A 120 2.46 19.29 -19.99
N GLU A 121 1.61 18.41 -19.45
CA GLU A 121 0.66 18.84 -18.44
C GLU A 121 1.35 19.44 -17.23
N THR A 122 2.43 18.80 -16.78
CA THR A 122 3.17 19.32 -15.63
C THR A 122 3.81 20.66 -15.94
N ALA A 123 4.39 20.81 -17.12
CA ALA A 123 5.01 22.07 -17.51
C ALA A 123 3.99 23.20 -17.57
N ASN A 124 2.82 22.94 -18.15
CA ASN A 124 1.80 23.96 -18.26
C ASN A 124 1.27 24.35 -16.88
N TRP A 125 1.16 23.39 -15.97
CA TRP A 125 0.82 23.71 -14.60
C TRP A 125 1.90 24.53 -13.94
N ALA A 126 3.17 24.19 -14.18
CA ALA A 126 4.28 24.93 -13.60
C ALA A 126 4.29 26.37 -14.09
N GLN A 127 4.16 26.57 -15.39
CA GLN A 127 4.08 27.92 -15.95
C GLN A 127 2.93 28.70 -15.33
N GLN A 128 1.79 28.03 -15.12
CA GLN A 128 0.63 28.69 -14.55
C GLN A 128 0.92 29.27 -13.17
N HIS A 129 1.78 28.62 -12.40
CA HIS A 129 2.02 28.99 -11.01
C HIS A 129 3.36 29.67 -10.78
N GLY A 130 4.11 29.97 -11.84
CA GLY A 130 5.31 30.76 -11.69
C GLY A 130 6.55 29.99 -11.32
N ALA A 131 6.60 28.70 -11.60
CA ALA A 131 7.80 27.91 -11.41
C ALA A 131 8.46 27.63 -12.75
N GLU A 132 9.79 27.70 -12.78
CA GLU A 132 10.52 27.31 -13.97
C GLU A 132 10.66 25.79 -14.01
N TYR A 133 10.38 25.20 -15.16
CA TYR A 133 10.19 23.77 -15.26
C TYR A 133 11.11 23.17 -16.32
N LEU A 134 11.92 22.19 -15.92
CA LEU A 134 12.68 21.34 -16.81
C LEU A 134 12.21 19.91 -16.62
N ASP A 135 11.82 19.25 -17.70
CA ASP A 135 11.51 17.83 -17.64
C ASP A 135 12.69 17.04 -18.20
N GLY A 136 13.12 16.03 -17.44
CA GLY A 136 14.31 15.28 -17.78
C GLY A 136 14.07 13.78 -17.77
N VAL A 137 15.04 13.07 -18.36
CA VAL A 137 15.08 11.61 -18.30
C VAL A 137 16.52 11.19 -18.03
N ILE A 138 16.68 10.17 -17.19
CA ILE A 138 17.99 9.65 -16.82
C ILE A 138 18.27 8.44 -17.72
N MET A 139 19.36 8.52 -18.48
CA MET A 139 19.72 7.45 -19.42
C MET A 139 20.69 6.46 -18.81
N THR A 140 20.41 6.04 -17.58
CA THR A 140 21.20 5.03 -16.88
C THR A 140 20.36 4.57 -15.69
N THR A 141 20.95 3.68 -14.91
CA THR A 141 20.34 3.11 -13.71
C THR A 141 20.91 3.79 -12.47
N PRO A 142 20.33 3.55 -11.28
CA PRO A 142 20.82 4.26 -10.08
C PRO A 142 22.32 4.18 -9.86
N SER A 143 22.94 3.03 -10.12
CA SER A 143 24.38 2.89 -9.93
C SER A 143 25.19 3.69 -10.94
N GLY A 144 24.57 4.18 -12.01
CA GLY A 144 25.27 4.97 -12.98
C GLY A 144 25.32 6.45 -12.65
N ILE A 145 24.45 6.88 -11.74
CA ILE A 145 24.38 8.29 -11.36
C ILE A 145 25.69 8.72 -10.73
N GLY A 146 26.26 9.82 -11.22
CA GLY A 146 27.51 10.34 -10.74
C GLY A 146 28.74 9.78 -11.41
N LYS A 147 28.59 8.82 -12.33
CA LYS A 147 29.73 8.19 -12.98
C LYS A 147 30.19 9.02 -14.18
N PRO A 148 30.96 8.43 -15.09
CA PRO A 148 31.42 9.19 -16.26
C PRO A 148 30.66 8.82 -17.52
N ASP A 149 30.35 9.84 -18.33
CA ASP A 149 29.78 9.71 -19.67
C ASP A 149 28.35 9.18 -19.69
N TYR A 150 27.71 9.02 -18.53
CA TYR A 150 26.28 8.71 -18.51
C TYR A 150 25.47 9.98 -18.68
N LEU A 151 24.39 9.89 -19.45
CA LEU A 151 23.65 11.06 -19.90
C LEU A 151 22.38 11.28 -19.09
N LEU A 152 22.08 12.55 -18.83
CA LEU A 152 20.76 12.99 -18.38
C LEU A 152 20.29 14.05 -19.35
N LEU A 153 19.09 13.85 -19.89
CA LEU A 153 18.56 14.71 -20.95
C LEU A 153 17.45 15.58 -20.38
N TYR A 154 17.50 16.87 -20.67
CA TYR A 154 16.55 17.84 -20.14
C TYR A 154 15.88 18.58 -21.28
N SER A 155 14.62 18.97 -21.06
CA SER A 155 13.89 19.76 -22.03
C SER A 155 12.91 20.65 -21.29
N GLY A 156 12.76 21.89 -21.77
CA GLY A 156 11.92 22.85 -21.11
C GLY A 156 12.60 24.19 -20.95
N SER A 157 12.55 24.72 -19.72
CA SER A 157 13.06 26.06 -19.45
C SER A 157 14.55 26.17 -19.71
N GLN A 158 14.94 26.96 -20.71
CA GLN A 158 16.35 27.20 -20.98
C GLN A 158 16.99 27.99 -19.85
N ALA A 159 16.25 28.94 -19.27
CA ALA A 159 16.76 29.66 -18.11
C ALA A 159 17.06 28.70 -16.96
N ALA A 160 16.17 27.72 -16.76
CA ALA A 160 16.40 26.74 -15.70
C ALA A 160 17.62 25.89 -15.99
N PHE A 161 17.77 25.43 -17.24
CA PHE A 161 18.92 24.60 -17.57
C PHE A 161 20.23 25.35 -17.38
N ASP A 162 20.34 26.54 -17.95
CA ASP A 162 21.58 27.31 -17.86
C ASP A 162 21.88 27.71 -16.41
N GLY A 163 20.84 28.04 -15.64
CA GLY A 163 21.05 28.43 -14.26
C GLY A 163 21.33 27.27 -13.33
N SER A 164 20.88 26.06 -13.67
CA SER A 164 21.04 24.90 -12.81
C SER A 164 22.09 23.92 -13.30
N ARG A 165 22.69 24.17 -14.46
CA ARG A 165 23.55 23.18 -15.10
C ARG A 165 24.73 22.80 -14.20
N GLY A 166 25.36 23.79 -13.58
CA GLY A 166 26.51 23.50 -12.72
C GLY A 166 26.17 22.52 -11.62
N THR A 167 24.96 22.63 -11.07
CA THR A 167 24.51 21.71 -10.04
C THR A 167 24.11 20.36 -10.63
N LEU A 168 23.37 20.38 -11.74
CA LEU A 168 22.91 19.14 -12.37
C LEU A 168 24.06 18.25 -12.83
N CME A 169 25.24 18.81 -13.07
CA CME A 169 26.41 18.03 -13.44
CB CME A 169 27.60 18.94 -13.72
SG CME A 169 27.47 19.87 -15.25
SD CME A 169 28.53 18.51 -16.29
CE CME A 169 30.34 18.64 -16.17
CZ CME A 169 30.76 20.10 -16.29
OH CME A 169 30.93 20.44 -17.65
C CME A 169 26.78 17.00 -12.38
O CME A 169 27.52 16.06 -12.68
N ALA A 170 26.29 17.16 -11.15
CA ALA A 170 26.60 16.20 -10.10
C ALA A 170 26.00 14.83 -10.39
N LEU A 171 24.94 14.78 -11.17
CA LEU A 171 24.27 13.52 -11.49
C LEU A 171 24.87 12.81 -12.69
N GLY A 172 25.46 13.56 -13.60
CA GLY A 172 25.93 13.00 -14.85
C GLY A 172 25.95 14.09 -15.91
N GLU A 173 26.34 13.69 -17.11
CA GLU A 173 26.47 14.62 -18.23
C GLU A 173 25.11 15.15 -18.66
N PRO A 174 24.83 16.44 -18.49
CA PRO A 174 23.52 16.98 -18.89
C PRO A 174 23.52 17.45 -20.33
N MET A 175 22.40 17.20 -21.01
CA MET A 175 22.19 17.68 -22.36
C MET A 175 20.85 18.38 -22.45
N ASN A 176 20.86 19.60 -22.99
CA ASN A 176 19.66 20.42 -23.14
C ASN A 176 19.02 20.07 -24.49
N LEU A 177 17.88 19.37 -24.44
CA LEU A 177 17.24 18.94 -25.68
C LEU A 177 16.53 20.07 -26.39
N GLY A 178 16.03 21.05 -25.66
CA GLY A 178 15.29 22.15 -26.25
C GLY A 178 14.27 22.67 -25.26
N THR A 179 13.32 23.43 -25.81
CA THR A 179 12.37 24.19 -25.00
C THR A 179 11.04 23.47 -24.75
N ASP A 180 10.73 22.45 -25.54
CA ASP A 180 9.49 21.69 -25.38
C ASP A 180 9.70 20.66 -24.29
N ALA A 181 8.97 20.81 -23.17
CA ALA A 181 9.20 19.96 -22.00
C ALA A 181 8.99 18.48 -22.29
N ALA A 182 8.15 18.15 -23.27
CA ALA A 182 7.84 16.77 -23.57
C ALA A 182 8.92 16.07 -24.38
N MET A 183 9.93 16.81 -24.86
CA MET A 183 10.97 16.21 -25.69
C MET A 183 11.70 15.09 -24.96
N ALA A 184 11.99 15.27 -23.67
CA ALA A 184 12.80 14.30 -22.95
C ALA A 184 12.16 12.92 -22.96
N SER A 185 10.84 12.85 -22.79
CA SER A 185 10.15 11.58 -22.81
C SER A 185 10.29 10.90 -24.16
N VAL A 186 10.09 11.66 -25.24
CA VAL A 186 10.19 11.09 -26.59
C VAL A 186 11.62 10.65 -26.88
N TYR A 187 12.59 11.47 -26.48
CA TYR A 187 13.99 11.11 -26.68
C TYR A 187 14.33 9.79 -26.02
N ASP A 188 13.89 9.60 -24.77
CA ASP A 188 14.18 8.37 -24.05
C ASP A 188 13.66 7.15 -24.80
N THR A 189 12.41 7.22 -25.27
CA THR A 189 11.82 6.10 -25.99
C THR A 189 12.55 5.86 -27.31
N ALA A 190 12.91 6.94 -28.02
CA ALA A 190 13.62 6.79 -29.28
C ALA A 190 15.02 6.22 -29.08
N LEU A 191 15.70 6.61 -28.00
CA LEU A 191 17.04 6.11 -27.74
C LEU A 191 17.02 4.65 -27.28
N LEU A 192 15.98 4.24 -26.57
CA LEU A 192 15.86 2.84 -26.19
C LEU A 192 15.70 1.94 -27.42
N GLY A 193 14.87 2.36 -28.37
CA GLY A 193 14.75 1.60 -29.61
C GLY A 193 16.06 1.51 -30.36
N LEU A 194 16.82 2.60 -30.38
CA LEU A 194 18.15 2.56 -30.98
C LEU A 194 19.07 1.61 -30.24
N MET A 195 18.95 1.56 -28.90
CA MET A 195 19.74 0.62 -28.12
C MET A 195 19.34 -0.82 -28.41
N TRP A 196 18.03 -1.10 -28.47
CA TRP A 196 17.58 -2.46 -28.73
C TRP A 196 17.91 -2.90 -30.15
N GLY A 197 17.83 -1.98 -31.12
CA GLY A 197 18.26 -2.33 -32.47
C GLY A 197 19.73 -2.67 -32.53
N THR A 198 20.57 -1.89 -31.84
CA THR A 198 21.99 -2.20 -31.78
C THR A 198 22.24 -3.53 -31.08
N LEU A 199 21.63 -3.73 -29.90
CA LEU A 199 21.91 -4.92 -29.11
C LEU A 199 21.38 -6.18 -29.77
N THR A 200 20.30 -6.08 -30.54
CA THR A 200 19.79 -7.26 -31.23
C THR A 200 20.66 -7.62 -32.42
N GLY A 201 21.16 -6.60 -33.13
CA GLY A 201 22.17 -6.86 -34.14
C GLY A 201 23.47 -7.36 -33.54
N TRP A 202 23.78 -6.93 -32.32
CA TRP A 202 24.95 -7.45 -31.64
C TRP A 202 24.76 -8.91 -31.25
N LEU A 203 23.62 -9.24 -30.63
CA LEU A 203 23.33 -10.63 -30.31
C LEU A 203 23.34 -11.50 -31.55
N HIS A 204 22.81 -10.99 -32.66
CA HIS A 204 22.85 -11.73 -33.92
C HIS A 204 24.29 -12.03 -34.32
N GLY A 205 25.17 -11.03 -34.19
CA GLY A 205 26.56 -11.25 -34.54
C GLY A 205 27.26 -12.18 -33.58
N VAL A 206 26.92 -12.08 -32.29
CA VAL A 206 27.46 -13.00 -31.29
C VAL A 206 27.11 -14.43 -31.65
N ALA A 207 25.84 -14.70 -31.91
CA ALA A 207 25.41 -16.06 -32.24
C ALA A 207 26.00 -16.52 -33.57
N LEU A 208 26.14 -15.59 -34.51
CA LEU A 208 26.76 -15.92 -35.80
C LEU A 208 28.23 -16.28 -35.63
N MET A 209 28.95 -15.53 -34.79
CA MET A 209 30.37 -15.76 -34.61
C MET A 209 30.64 -17.02 -33.79
N GLY A 210 29.83 -17.28 -32.78
CA GLY A 210 30.06 -18.42 -31.91
C GLY A 210 29.69 -19.76 -32.51
N ALA A 211 28.98 -19.77 -33.63
CA ALA A 211 28.48 -21.03 -34.20
C ALA A 211 29.61 -21.82 -34.85
N ASP A 212 29.38 -23.12 -34.99
CA ASP A 212 30.32 -23.99 -35.68
C ASP A 212 30.45 -23.57 -37.14
N GLY A 213 31.59 -23.92 -37.73
CA GLY A 213 31.85 -23.63 -39.11
C GLY A 213 33.21 -22.97 -39.32
N PRO A 214 33.65 -22.89 -40.56
CA PRO A 214 34.91 -22.20 -40.84
C PRO A 214 34.83 -20.75 -40.40
N GLY A 215 35.81 -20.34 -39.60
CA GLY A 215 35.83 -19.00 -39.08
C GLY A 215 34.93 -18.76 -37.89
N GLY A 216 34.32 -19.81 -37.34
CA GLY A 216 33.39 -19.70 -36.23
C GLY A 216 34.01 -20.06 -34.91
N ASN A 217 33.14 -20.38 -33.94
CA ASN A 217 33.52 -20.71 -32.58
C ASN A 217 34.30 -19.58 -31.91
N VAL A 218 33.98 -18.34 -32.26
CA VAL A 218 34.60 -17.17 -31.66
C VAL A 218 33.76 -16.72 -30.46
N THR A 219 34.43 -16.33 -29.38
CA THR A 219 33.73 -15.93 -28.17
C THR A 219 33.03 -14.59 -28.37
N ALA A 220 32.00 -14.36 -27.55
CA ALA A 220 31.31 -13.08 -27.59
C ALA A 220 32.25 -11.93 -27.22
N THR A 221 33.15 -12.17 -26.27
CA THR A 221 34.09 -11.14 -25.84
C THR A 221 35.05 -10.78 -26.96
N ALA A 222 35.52 -11.78 -27.72
CA ALA A 222 36.42 -11.49 -28.83
C ALA A 222 35.71 -10.70 -29.92
N PHE A 223 34.48 -11.10 -30.26
CA PHE A 223 33.73 -10.39 -31.28
C PHE A 223 33.42 -8.96 -30.85
N THR A 224 33.17 -8.76 -29.56
CA THR A 224 32.73 -7.46 -29.08
C THR A 224 33.85 -6.42 -29.11
N GLU A 225 35.07 -6.84 -28.77
CA GLU A 225 36.21 -5.92 -28.91
C GLU A 225 36.32 -5.41 -30.33
N VAL A 226 36.14 -6.30 -31.31
CA VAL A 226 36.10 -5.87 -32.70
C VAL A 226 34.84 -5.04 -32.97
N ALA A 227 33.70 -5.47 -32.41
CA ALA A 227 32.45 -4.77 -32.65
C ALA A 227 32.50 -3.35 -32.11
N ASN A 228 33.11 -3.14 -30.95
CA ASN A 228 33.17 -1.81 -30.38
C ASN A 228 34.09 -0.87 -31.15
N ARG A 229 35.03 -1.42 -31.93
CA ARG A 229 35.76 -0.58 -32.88
C ARG A 229 34.90 -0.27 -34.10
N TRP A 230 34.12 -1.26 -34.56
CA TRP A 230 33.27 -1.08 -35.74
C TRP A 230 32.21 -0.02 -35.51
N MET A 231 31.73 0.12 -34.27
CA MET A 231 30.67 1.09 -33.98
C MET A 231 31.11 2.53 -34.20
N LYS A 232 32.40 2.79 -34.32
CA LYS A 232 32.84 4.13 -34.72
C LYS A 232 32.44 4.42 -36.16
N THR A 233 32.64 3.47 -37.05
CA THR A 233 32.20 3.62 -38.44
C THR A 233 30.68 3.68 -38.52
N VAL A 234 29.99 2.84 -37.76
CA VAL A 234 28.53 2.85 -37.74
C VAL A 234 28.01 4.21 -37.28
N GLY A 235 28.69 4.79 -36.27
CA GLY A 235 28.33 6.14 -35.84
C GLY A 235 28.50 7.17 -36.94
N VAL A 236 29.47 6.97 -37.83
CA VAL A 236 29.64 7.87 -38.97
C VAL A 236 28.50 7.73 -39.95
N PHE A 237 27.97 6.52 -40.13
CA PHE A 237 26.84 6.31 -41.02
C PHE A 237 25.60 7.05 -40.54
N MET A 238 25.33 7.01 -39.23
CA MET A 238 24.19 7.74 -38.68
C MET A 238 24.36 9.24 -38.89
N ASN A 239 25.55 9.76 -38.62
CA ASN A 239 25.81 11.18 -38.82
C ASN A 239 25.75 11.56 -40.29
N THR A 240 26.09 10.63 -41.18
CA THR A 240 26.02 10.91 -42.61
C THR A 240 24.57 10.92 -43.09
N TYR A 241 23.76 10.00 -42.58
CA TYR A 241 22.39 9.85 -43.07
C TYR A 241 21.42 10.84 -42.47
N ALA A 242 21.70 11.39 -41.29
CA ALA A 242 20.77 12.33 -40.67
C ALA A 242 20.49 13.55 -41.55
N PRO A 243 21.47 14.18 -42.20
CA PRO A 243 21.11 15.24 -43.16
C PRO A 243 20.32 14.75 -44.36
N HIS A 244 20.47 13.48 -44.76
CA HIS A 244 19.64 12.94 -45.83
C HIS A 244 18.16 13.03 -45.47
N VAL A 245 17.81 12.51 -44.29
CA VAL A 245 16.41 12.52 -43.86
C VAL A 245 15.90 13.95 -43.76
N ASP A 246 16.72 14.85 -43.21
CA ASP A 246 16.30 16.24 -43.04
C ASP A 246 16.19 16.95 -44.38
N ALA A 247 16.97 16.55 -45.38
CA ALA A 247 16.88 17.15 -46.70
C ALA A 247 15.86 16.47 -47.61
N GLY A 248 15.40 15.27 -47.25
CA GLY A 248 14.61 14.49 -48.19
C GLY A 248 15.38 14.05 -49.40
N HIS A 249 16.70 13.96 -49.30
CA HIS A 249 17.58 13.64 -50.41
C HIS A 249 18.53 12.55 -49.97
N TYR A 250 18.46 11.39 -50.62
CA TYR A 250 19.14 10.18 -50.16
C TYR A 250 20.07 9.64 -51.24
N PRO A 251 21.19 10.31 -51.50
CA PRO A 251 22.15 9.78 -52.48
C PRO A 251 22.83 8.52 -51.93
N GLY A 252 22.83 7.46 -52.73
CA GLY A 252 23.38 6.19 -52.29
C GLY A 252 24.89 6.14 -52.28
N ASP A 253 25.55 6.98 -53.08
CA ASP A 253 27.01 7.01 -53.19
C ASP A 253 27.56 5.63 -53.48
N GLU A 254 28.44 5.14 -52.61
CA GLU A 254 29.11 3.86 -52.82
C GLU A 254 28.52 2.73 -51.97
N PHE A 255 27.43 2.99 -51.23
CA PHE A 255 26.73 1.96 -50.46
C PHE A 255 25.24 2.22 -50.67
N THR A 256 24.70 1.69 -51.76
CA THR A 256 23.31 1.91 -52.13
C THR A 256 22.43 0.83 -51.54
N LEU A 257 21.12 1.11 -51.55
CA LEU A 257 20.14 0.13 -51.06
C LEU A 257 20.21 -1.17 -51.84
N HIS A 258 20.57 -1.11 -53.13
CA HIS A 258 20.85 -2.33 -53.88
C HIS A 258 21.90 -3.17 -53.18
N LEU A 259 23.01 -2.54 -52.78
CA LEU A 259 24.08 -3.28 -52.12
C LEU A 259 23.66 -3.78 -50.75
N HIS A 260 22.99 -2.92 -49.96
CA HIS A 260 22.44 -3.36 -48.68
C HIS A 260 21.62 -4.62 -48.83
N HIS A 261 20.64 -4.59 -49.74
CA HIS A 261 19.73 -5.73 -49.91
C HIS A 261 20.49 -6.98 -50.34
N ARG A 262 21.42 -6.85 -51.29
CA ARG A 262 22.15 -8.01 -51.77
C ARG A 262 23.02 -8.61 -50.68
N THR A 263 23.66 -7.77 -49.86
CA THR A 263 24.47 -8.28 -48.75
C THR A 263 23.61 -8.80 -47.61
N MET A 264 22.39 -8.26 -47.44
CA MET A 264 21.48 -8.80 -46.43
C MET A 264 21.07 -10.22 -46.75
N ASN A 265 21.01 -10.58 -48.04
CA ASN A 265 20.68 -11.95 -48.41
C ASN A 265 21.81 -12.91 -48.02
N ILE A 266 23.04 -12.44 -48.02
CA ILE A 266 24.15 -13.27 -47.55
C ILE A 266 24.02 -13.50 -46.05
N LEU A 267 23.74 -12.44 -45.29
CA LEU A 267 23.50 -12.58 -43.86
C LEU A 267 22.36 -13.55 -43.60
N ALA A 268 21.28 -13.47 -44.37
CA ALA A 268 20.15 -14.38 -44.18
C ALA A 268 20.56 -15.82 -44.44
N HIS A 269 21.34 -16.05 -45.50
CA HIS A 269 21.75 -17.41 -45.81
C HIS A 269 22.80 -17.90 -44.83
N ALA A 270 23.71 -17.01 -44.39
CA ALA A 270 24.70 -17.40 -43.40
C ALA A 270 24.04 -17.72 -42.06
N SER A 271 23.05 -16.92 -41.67
CA SER A 271 22.33 -17.19 -40.43
C SER A 271 21.54 -18.48 -40.51
N GLU A 272 20.95 -18.75 -41.67
CA GLU A 272 20.22 -19.99 -41.85
C GLU A 272 21.15 -21.20 -41.73
N LEU A 273 22.34 -21.10 -42.31
CA LEU A 273 23.32 -22.19 -42.22
C LEU A 273 23.71 -22.47 -40.79
N ARG A 274 24.01 -21.42 -40.02
CA ARG A 274 24.50 -21.53 -38.66
C ARG A 274 23.39 -21.56 -37.62
N GLY A 275 22.12 -21.62 -38.04
CA GLY A 275 21.03 -21.75 -37.10
C GLY A 275 20.75 -20.51 -36.27
N VAL A 276 21.08 -19.33 -36.78
CA VAL A 276 20.80 -18.08 -36.09
C VAL A 276 19.44 -17.57 -36.56
N VAL A 277 18.47 -17.55 -35.66
CA VAL A 277 17.09 -17.19 -35.97
C VAL A 277 16.73 -15.98 -35.12
N SER A 278 16.92 -14.78 -35.66
CA SER A 278 16.63 -13.56 -34.94
C SER A 278 15.48 -12.75 -35.52
N GLY A 279 15.03 -13.06 -36.74
CA GLY A 279 14.08 -12.22 -37.42
C GLY A 279 14.66 -10.93 -37.97
N LEU A 280 15.89 -10.59 -37.61
CA LEU A 280 16.53 -9.42 -38.20
C LEU A 280 16.70 -9.52 -39.71
N PRO A 281 17.21 -10.63 -40.28
CA PRO A 281 17.41 -10.64 -41.73
C PRO A 281 16.13 -10.50 -42.53
N GLU A 282 15.05 -11.14 -42.09
CA GLU A 282 13.78 -11.03 -42.82
C GLU A 282 13.26 -9.59 -42.77
N LEU A 283 13.44 -8.90 -41.63
CA LEU A 283 13.01 -7.52 -41.51
C LEU A 283 13.78 -6.62 -42.48
N LEU A 284 15.10 -6.82 -42.55
CA LEU A 284 15.95 -5.95 -43.36
C LEU A 284 15.69 -6.13 -44.84
N THR A 285 15.54 -7.37 -45.30
CA THR A 285 15.29 -7.61 -46.72
C THR A 285 13.91 -7.14 -47.12
N GLU A 286 12.92 -7.30 -46.24
CA GLU A 286 11.57 -6.82 -46.53
C GLU A 286 11.56 -5.31 -46.68
N LEU A 287 12.19 -4.61 -45.74
CA LEU A 287 12.19 -3.14 -45.75
C LEU A 287 12.96 -2.61 -46.97
N THR A 288 14.15 -3.15 -47.22
CA THR A 288 14.90 -2.72 -48.39
C THR A 288 14.26 -3.18 -49.69
N GLY A 289 13.56 -4.32 -49.65
CA GLY A 289 12.89 -4.81 -50.84
C GLY A 289 11.80 -3.87 -51.32
N ARG A 290 11.02 -3.33 -50.39
CA ARG A 290 9.97 -2.38 -50.77
C ARG A 290 10.56 -1.09 -51.32
N ALA A 291 11.72 -0.66 -50.82
CA ALA A 291 12.34 0.56 -51.33
C ALA A 291 12.85 0.36 -52.75
N ILE A 292 13.36 -0.84 -53.04
CA ILE A 292 13.86 -1.12 -54.39
C ILE A 292 12.70 -1.31 -55.35
N THR A 293 11.65 -2.00 -54.90
CA THR A 293 10.46 -2.15 -55.74
C THR A 293 9.87 -0.79 -56.10
N ALA A 294 9.91 0.16 -55.16
CA ALA A 294 9.45 1.51 -55.44
C ALA A 294 10.41 2.28 -56.33
N GLY A 295 11.58 1.74 -56.63
CA GLY A 295 12.53 2.38 -57.52
C GLY A 295 13.61 3.21 -56.85
N HIS A 296 13.93 2.94 -55.58
CA HIS A 296 14.91 3.72 -54.84
C HIS A 296 16.17 2.92 -54.51
N GLY A 297 16.48 1.88 -55.30
CA GLY A 297 17.63 1.04 -55.00
C GLY A 297 18.95 1.77 -55.03
N ASN A 298 19.04 2.84 -55.83
CA ASN A 298 20.27 3.63 -55.88
C ASN A 298 20.41 4.58 -54.70
N ASP A 299 19.40 4.69 -53.85
CA ASP A 299 19.41 5.65 -52.77
C ASP A 299 20.10 5.09 -51.53
N SER A 300 20.35 5.96 -50.56
CA SER A 300 21.03 5.58 -49.34
C SER A 300 20.07 4.87 -48.39
N TYR A 301 20.62 4.38 -47.29
CA TYR A 301 19.81 3.75 -46.26
C TYR A 301 18.78 4.71 -45.68
N ALA A 302 19.08 6.01 -45.69
CA ALA A 302 18.18 7.01 -45.13
C ALA A 302 16.86 7.12 -45.89
N ARG A 303 16.82 6.68 -47.16
CA ARG A 303 15.56 6.67 -47.89
C ARG A 303 14.53 5.79 -47.22
N LEU A 304 14.98 4.78 -46.46
CA LEU A 304 14.06 3.87 -45.79
C LEU A 304 13.21 4.55 -44.72
N VAL A 305 13.54 5.78 -44.31
CA VAL A 305 12.71 6.47 -43.33
C VAL A 305 11.30 6.69 -43.88
N GLU A 306 11.17 6.81 -45.20
CA GLU A 306 9.87 6.97 -45.83
C GLU A 306 9.07 5.67 -45.84
N PHE A 307 9.69 4.55 -45.50
CA PHE A 307 9.03 3.25 -45.55
C PHE A 307 8.72 2.71 -44.17
N ILE A 308 8.90 3.53 -43.13
CA ILE A 308 8.51 3.18 -41.77
C ILE A 308 7.71 4.33 -41.18
N ARG A 309 7.69 5.46 -41.89
CA ARG A 309 7.09 6.71 -41.42
C ARG A 309 5.61 6.58 -41.10
N SER B 11 -6.67 20.92 -5.84
CA SER B 11 -6.89 22.35 -5.74
C SER B 11 -6.35 23.09 -6.95
N SER B 12 -5.02 23.10 -7.10
CA SER B 12 -4.36 23.89 -8.14
C SER B 12 -4.52 23.32 -9.54
N GLY B 13 -5.14 22.15 -9.70
CA GLY B 13 -5.43 21.61 -11.01
C GLY B 13 -4.33 20.78 -11.62
N LEU B 14 -3.61 20.02 -10.80
CA LEU B 14 -2.55 19.15 -11.30
C LEU B 14 -2.90 17.69 -11.05
N SER B 19 -12.85 11.52 -2.35
CA SER B 19 -12.00 10.35 -2.47
C SER B 19 -10.75 10.66 -3.26
N HIS B 20 -10.51 11.95 -3.50
CA HIS B 20 -9.51 12.38 -4.47
C HIS B 20 -8.23 12.91 -3.82
N MET B 21 -8.34 13.76 -2.79
CA MET B 21 -7.19 14.50 -2.29
C MET B 21 -6.81 14.17 -0.85
N GLY B 22 -7.56 13.30 -0.17
CA GLY B 22 -7.28 12.98 1.21
C GLY B 22 -6.01 12.17 1.37
N ALA B 23 -5.71 11.83 2.62
CA ALA B 23 -4.53 11.04 2.91
C ALA B 23 -4.62 9.69 2.21
N LYS B 24 -3.50 9.22 1.67
CA LYS B 24 -3.46 7.95 0.97
C LYS B 24 -3.48 6.80 1.97
N VAL B 25 -4.39 5.85 1.77
CA VAL B 25 -4.55 4.72 2.65
C VAL B 25 -4.83 3.48 1.82
N THR B 26 -4.27 2.36 2.24
CA THR B 26 -4.50 1.07 1.62
C THR B 26 -5.32 0.19 2.56
N VAL B 27 -6.25 -0.58 1.99
CA VAL B 27 -6.99 -1.60 2.71
C VAL B 27 -6.64 -2.95 2.10
N LEU B 28 -6.09 -3.85 2.92
CA LEU B 28 -5.82 -5.23 2.52
C LEU B 28 -6.94 -6.10 3.06
N GLY B 29 -7.79 -6.61 2.17
CA GLY B 29 -8.92 -7.42 2.56
C GLY B 29 -10.24 -6.75 2.23
N LEU B 30 -11.00 -7.35 1.32
CA LEU B 30 -12.29 -6.81 0.89
C LEU B 30 -13.43 -7.75 1.25
N GLY B 31 -13.31 -8.42 2.40
CA GLY B 31 -14.44 -9.07 2.99
C GLY B 31 -15.47 -8.06 3.44
N PRO B 32 -16.56 -8.56 4.04
CA PRO B 32 -17.62 -7.63 4.50
C PRO B 32 -17.10 -6.48 5.32
N MET B 33 -16.25 -6.76 6.31
CA MET B 33 -15.70 -5.68 7.12
C MET B 33 -14.71 -4.85 6.32
N GLY B 34 -13.79 -5.51 5.61
CA GLY B 34 -12.79 -4.78 4.86
C GLY B 34 -13.39 -3.90 3.77
N ALA B 35 -14.44 -4.38 3.11
CA ALA B 35 -15.12 -3.58 2.11
C ALA B 35 -15.76 -2.35 2.75
N ALA B 36 -16.26 -2.48 3.98
CA ALA B 36 -16.84 -1.36 4.69
C ALA B 36 -15.78 -0.34 5.08
N LEU B 37 -14.59 -0.81 5.47
CA LEU B 37 -13.49 0.10 5.79
C LEU B 37 -13.10 0.94 4.58
N ALA B 38 -12.95 0.28 3.42
CA ALA B 38 -12.59 0.99 2.20
C ALA B 38 -13.65 2.01 1.83
N GLY B 39 -14.93 1.64 1.95
CA GLY B 39 -15.99 2.58 1.64
C GLY B 39 -15.99 3.79 2.55
N ALA B 40 -15.72 3.57 3.84
CA ALA B 40 -15.68 4.68 4.79
C ALA B 40 -14.49 5.60 4.49
N PHE B 41 -13.34 5.03 4.17
CA PHE B 41 -12.19 5.84 3.77
C PHE B 41 -12.51 6.67 2.53
N LEU B 42 -13.30 6.10 1.61
CA LEU B 42 -13.67 6.83 0.41
C LEU B 42 -14.69 7.92 0.72
N ALA B 43 -15.65 7.63 1.61
CA ALA B 43 -16.65 8.63 1.97
C ALA B 43 -16.01 9.85 2.63
N ALA B 44 -14.91 9.65 3.36
CA ALA B 44 -14.20 10.74 4.01
C ALA B 44 -13.24 11.48 3.09
N GLY B 45 -13.08 11.00 1.85
CA GLY B 45 -12.27 11.70 0.87
C GLY B 45 -10.84 11.21 0.71
N HIS B 46 -10.50 10.04 1.25
CA HIS B 46 -9.12 9.59 1.24
C HIS B 46 -8.80 8.86 -0.06
N ARG B 47 -7.56 9.04 -0.53
CA ARG B 47 -7.04 8.33 -1.70
C ARG B 47 -6.85 6.88 -1.34
N THR B 48 -7.82 6.04 -1.70
CA THR B 48 -7.95 4.70 -1.15
C THR B 48 -7.58 3.65 -2.18
N THR B 49 -6.56 2.86 -1.88
CA THR B 49 -6.15 1.72 -2.68
C THR B 49 -6.55 0.45 -1.94
N VAL B 50 -7.05 -0.55 -2.67
CA VAL B 50 -7.58 -1.76 -2.05
C VAL B 50 -7.03 -2.98 -2.77
N TRP B 51 -6.94 -4.08 -2.03
CA TRP B 51 -6.55 -5.38 -2.58
C TRP B 51 -7.29 -6.48 -1.83
N ASN B 52 -7.67 -7.52 -2.56
CA ASN B 52 -8.23 -8.73 -1.98
C ASN B 52 -7.54 -9.94 -2.60
N ARG B 53 -7.50 -11.05 -1.86
CA ARG B 53 -6.83 -12.25 -2.36
C ARG B 53 -7.50 -12.77 -3.64
N THR B 54 -8.81 -12.82 -3.66
CA THR B 54 -9.50 -13.21 -4.86
C THR B 54 -10.14 -11.99 -5.53
N PRO B 55 -10.12 -11.91 -6.85
CA PRO B 55 -10.71 -10.76 -7.54
C PRO B 55 -12.23 -10.77 -7.46
N GLY B 56 -12.81 -9.63 -7.82
CA GLY B 56 -14.25 -9.50 -7.90
C GLY B 56 -14.93 -8.94 -6.67
N LYS B 57 -14.19 -8.67 -5.61
CA LYS B 57 -14.78 -8.20 -4.36
C LYS B 57 -14.81 -6.68 -4.25
N GLY B 58 -14.29 -5.95 -5.24
CA GLY B 58 -14.32 -4.51 -5.16
C GLY B 58 -15.72 -3.94 -5.20
N GLY B 59 -16.56 -4.46 -6.08
CA GLY B 59 -17.90 -3.92 -6.19
C GLY B 59 -17.87 -2.50 -6.70
N SER B 60 -18.60 -1.61 -6.02
CA SER B 60 -18.72 -0.22 -6.43
C SER B 60 -17.58 0.66 -5.92
N LEU B 61 -16.60 0.08 -5.23
CA LEU B 61 -15.54 0.90 -4.65
C LEU B 61 -14.74 1.64 -5.72
N ALA B 62 -14.47 0.98 -6.85
CA ALA B 62 -13.72 1.62 -7.92
C ALA B 62 -14.49 2.78 -8.52
N GLY B 63 -15.80 2.62 -8.72
CA GLY B 63 -16.62 3.73 -9.15
C GLY B 63 -16.75 4.81 -8.10
N GLU B 64 -16.66 4.44 -6.82
CA GLU B 64 -16.66 5.39 -5.72
C GLU B 64 -15.32 6.09 -5.54
N GLY B 65 -14.31 5.74 -6.33
CA GLY B 65 -13.04 6.42 -6.30
C GLY B 65 -11.86 5.59 -5.86
N ALA B 66 -12.05 4.33 -5.44
CA ALA B 66 -10.93 3.52 -5.03
C ALA B 66 -10.14 3.05 -6.25
N THR B 67 -8.91 2.61 -5.99
CA THR B 67 -8.07 1.95 -6.99
C THR B 67 -7.79 0.54 -6.49
N GLU B 68 -8.35 -0.46 -7.16
CA GLU B 68 -8.08 -1.84 -6.80
C GLU B 68 -6.89 -2.35 -7.60
N VAL B 69 -5.94 -2.99 -6.92
CA VAL B 69 -4.77 -3.54 -7.55
C VAL B 69 -4.80 -5.06 -7.37
N ALA B 70 -4.04 -5.75 -8.21
CA ALA B 70 -4.08 -7.21 -8.28
C ALA B 70 -3.17 -7.90 -7.28
N SER B 71 -2.26 -7.18 -6.65
CA SER B 71 -1.30 -7.81 -5.74
C SER B 71 -1.17 -6.98 -4.47
N ALA B 72 -0.95 -7.68 -3.36
CA ALA B 72 -0.74 -6.99 -2.08
C ALA B 72 0.52 -6.15 -2.12
N ALA B 73 1.52 -6.55 -2.91
CA ALA B 73 2.73 -5.73 -3.06
C ALA B 73 2.39 -4.36 -3.63
N GLU B 74 1.59 -4.34 -4.71
CA GLU B 74 1.15 -3.06 -5.27
C GLU B 74 0.40 -2.24 -4.24
N ALA B 75 -0.51 -2.88 -3.50
CA ALA B 75 -1.33 -2.14 -2.53
C ALA B 75 -0.49 -1.55 -1.42
N VAL B 76 0.42 -2.35 -0.85
CA VAL B 76 1.29 -1.86 0.22
C VAL B 76 2.12 -0.67 -0.27
N ALA B 77 2.62 -0.75 -1.50
CA ALA B 77 3.44 0.31 -2.04
C ALA B 77 2.66 1.59 -2.29
N ALA B 78 1.33 1.49 -2.40
CA ALA B 78 0.51 2.62 -2.81
C ALA B 78 0.37 3.66 -1.69
N SER B 79 0.47 3.25 -0.43
CA SER B 79 0.09 4.14 0.67
C SER B 79 1.05 4.00 1.85
N PRO B 80 1.33 5.10 2.55
CA PRO B 80 2.16 4.99 3.77
C PRO B 80 1.43 4.34 4.93
N LEU B 81 0.10 4.37 4.92
CA LEU B 81 -0.74 3.72 5.93
C LEU B 81 -1.39 2.51 5.30
N VAL B 82 -1.18 1.34 5.88
CA VAL B 82 -1.70 0.08 5.37
C VAL B 82 -2.64 -0.49 6.42
N VAL B 83 -3.94 -0.44 6.15
CA VAL B 83 -4.94 -0.99 7.05
C VAL B 83 -5.23 -2.42 6.64
N VAL B 84 -5.08 -3.36 7.57
CA VAL B 84 -5.25 -4.78 7.30
C VAL B 84 -6.52 -5.25 7.99
N CYS B 85 -7.38 -5.94 7.23
CA CYS B 85 -8.63 -6.49 7.75
C CYS B 85 -8.89 -7.80 7.01
N LEU B 86 -8.27 -8.87 7.50
CA LEU B 86 -8.39 -10.19 6.93
C LEU B 86 -9.15 -11.10 7.89
N ALA B 87 -9.31 -12.36 7.50
CA ALA B 87 -10.15 -13.27 8.27
C ALA B 87 -9.48 -13.69 9.56
N THR B 88 -8.22 -14.10 9.49
CA THR B 88 -7.48 -14.62 10.63
C THR B 88 -6.09 -14.01 10.64
N TYR B 89 -5.40 -14.14 11.77
CA TYR B 89 -3.99 -13.78 11.81
C TYR B 89 -3.13 -14.76 11.03
N GLU B 90 -3.62 -15.98 10.83
CA GLU B 90 -2.98 -16.88 9.87
C GLU B 90 -2.94 -16.25 8.48
N ALA B 91 -4.03 -15.60 8.08
CA ALA B 91 -4.06 -14.91 6.79
C ALA B 91 -3.18 -13.67 6.81
N VAL B 92 -3.20 -12.90 7.90
CA VAL B 92 -2.34 -11.73 8.03
C VAL B 92 -0.88 -12.13 7.87
N HIS B 93 -0.49 -13.25 8.49
CA HIS B 93 0.90 -13.66 8.44
C HIS B 93 1.31 -14.13 7.05
N GLU B 94 0.42 -14.86 6.35
CA GLU B 94 0.78 -15.32 5.02
C GLU B 94 0.78 -14.17 4.01
N VAL B 95 -0.02 -13.13 4.24
CA VAL B 95 -0.04 -12.00 3.33
C VAL B 95 1.17 -11.10 3.57
N LEU B 96 1.52 -10.82 4.83
CA LEU B 96 2.54 -9.83 5.13
C LEU B 96 3.95 -10.41 5.11
N ASP B 97 4.11 -11.70 5.36
CA ASP B 97 5.44 -12.33 5.35
C ASP B 97 6.25 -12.00 4.10
N PRO B 98 5.71 -12.11 2.88
CA PRO B 98 6.51 -11.75 1.69
C PRO B 98 6.74 -10.26 1.52
N LEU B 99 6.16 -9.41 2.38
CA LEU B 99 6.20 -7.97 2.17
C LEU B 99 7.04 -7.24 3.22
N ALA B 100 7.95 -7.96 3.89
CA ALA B 100 8.70 -7.38 5.00
C ALA B 100 9.52 -6.17 4.55
N ASP B 101 10.20 -6.28 3.40
CA ASP B 101 11.02 -5.18 2.93
C ASP B 101 10.19 -4.03 2.37
N GLU B 102 9.06 -4.35 1.74
CA GLU B 102 8.20 -3.31 1.19
C GLU B 102 7.44 -2.55 2.27
N LEU B 103 7.31 -3.13 3.47
CA LEU B 103 6.59 -2.50 4.57
C LEU B 103 7.47 -1.62 5.44
N ALA B 104 8.78 -1.60 5.20
CA ALA B 104 9.69 -0.80 6.01
C ALA B 104 9.30 0.68 5.97
N GLY B 105 9.25 1.31 7.14
CA GLY B 105 8.88 2.70 7.26
C GLY B 105 7.39 2.96 7.27
N ARG B 106 6.58 2.07 6.71
CA ARG B 106 5.14 2.28 6.63
C ARG B 106 4.47 1.94 7.96
N THR B 107 3.21 2.37 8.08
CA THR B 107 2.41 2.10 9.28
C THR B 107 1.39 1.03 8.96
N VAL B 108 1.35 -0.02 9.79
CA VAL B 108 0.40 -1.11 9.65
C VAL B 108 -0.63 -0.98 10.77
N VAL B 109 -1.89 -0.86 10.39
CA VAL B 109 -3.01 -0.89 11.33
C VAL B 109 -3.75 -2.20 11.09
N ASN B 110 -3.61 -3.15 12.01
CA ASN B 110 -4.17 -4.48 11.85
C ASN B 110 -5.47 -4.56 12.64
N LEU B 111 -6.59 -4.51 11.94
CA LEU B 111 -7.92 -4.61 12.52
C LEU B 111 -8.49 -6.02 12.47
N THR B 112 -7.67 -7.00 12.07
CA THR B 112 -8.09 -8.39 12.08
C THR B 112 -8.36 -8.85 13.51
N SER B 113 -9.36 -9.71 13.67
CA SER B 113 -9.67 -10.30 14.96
C SER B 113 -8.73 -11.45 15.25
N GLY B 114 -8.20 -11.48 16.47
CA GLY B 114 -7.28 -12.55 16.83
C GLY B 114 -6.97 -12.53 18.31
N SER B 115 -5.99 -13.36 18.68
CA SER B 115 -5.55 -13.57 20.05
C SER B 115 -4.49 -12.56 20.45
N PRO B 116 -4.33 -12.30 21.76
CA PRO B 116 -3.27 -11.36 22.18
C PRO B 116 -1.87 -11.80 21.76
N VAL B 117 -1.60 -13.10 21.76
CA VAL B 117 -0.26 -13.55 21.39
C VAL B 117 0.00 -13.35 19.90
N HIS B 118 -1.03 -13.51 19.06
CA HIS B 118 -0.84 -13.26 17.63
C HIS B 118 -0.63 -11.78 17.35
N ALA B 119 -1.28 -10.90 18.11
CA ALA B 119 -1.01 -9.47 17.96
C ALA B 119 0.41 -9.13 18.41
N ARG B 120 0.86 -9.74 19.50
CA ARG B 120 2.21 -9.50 20.00
C ARG B 120 3.26 -9.99 19.02
N GLU B 121 3.02 -11.15 18.40
CA GLU B 121 3.97 -11.68 17.42
C GLU B 121 4.05 -10.80 16.19
N THR B 122 2.88 -10.38 15.67
CA THR B 122 2.87 -9.49 14.51
C THR B 122 3.55 -8.18 14.85
N ALA B 123 3.35 -7.67 16.06
CA ALA B 123 4.02 -6.45 16.49
C ALA B 123 5.53 -6.64 16.53
N ASN B 124 5.98 -7.76 17.08
CA ASN B 124 7.42 -8.02 17.15
C ASN B 124 8.01 -8.14 15.75
N TRP B 125 7.38 -8.92 14.88
CA TRP B 125 7.86 -9.07 13.50
C TRP B 125 7.94 -7.71 12.79
N ALA B 126 6.91 -6.88 12.96
CA ALA B 126 6.93 -5.56 12.34
C ALA B 126 8.08 -4.71 12.87
N GLN B 127 8.39 -4.83 14.17
CA GLN B 127 9.51 -4.11 14.73
C GLN B 127 10.83 -4.52 14.09
N GLN B 128 11.00 -5.83 13.87
CA GLN B 128 12.23 -6.34 13.26
C GLN B 128 12.46 -5.73 11.88
N HIS B 129 11.38 -5.51 11.13
CA HIS B 129 11.48 -5.05 9.75
C HIS B 129 11.14 -3.57 9.59
N GLY B 130 10.97 -2.84 10.70
CA GLY B 130 10.90 -1.40 10.64
C GLY B 130 9.55 -0.81 10.26
N ALA B 131 8.49 -1.60 10.34
CA ALA B 131 7.14 -1.08 10.15
C ALA B 131 6.55 -0.65 11.49
N GLU B 132 5.91 0.52 11.50
CA GLU B 132 5.13 0.92 12.66
C GLU B 132 3.87 0.08 12.70
N TYR B 133 3.57 -0.49 13.86
CA TYR B 133 2.47 -1.44 13.99
C TYR B 133 1.49 -1.01 15.07
N LEU B 134 0.24 -0.82 14.67
CA LEU B 134 -0.88 -0.69 15.58
C LEU B 134 -1.79 -1.89 15.38
N ASP B 135 -2.08 -2.60 16.46
CA ASP B 135 -3.12 -3.62 16.41
C ASP B 135 -4.43 -3.02 16.89
N GLY B 136 -5.53 -3.55 16.37
CA GLY B 136 -6.83 -2.94 16.64
C GLY B 136 -7.96 -3.93 16.62
N VAL B 137 -9.08 -3.52 17.21
CA VAL B 137 -10.32 -4.27 17.21
C VAL B 137 -11.46 -3.33 16.84
N ILE B 138 -12.42 -3.83 16.10
CA ILE B 138 -13.58 -3.07 15.67
C ILE B 138 -14.75 -3.43 16.58
N MET B 139 -15.22 -2.46 17.36
CA MET B 139 -16.33 -2.68 18.29
C MET B 139 -17.69 -2.40 17.65
N THR B 140 -17.86 -2.81 16.40
CA THR B 140 -19.14 -2.77 15.72
C THR B 140 -19.09 -3.80 14.58
N THR B 141 -20.14 -3.84 13.79
CA THR B 141 -20.25 -4.68 12.61
C THR B 141 -20.03 -3.83 11.36
N PRO B 142 -19.93 -4.45 10.18
CA PRO B 142 -19.66 -3.65 8.97
C PRO B 142 -20.63 -2.50 8.74
N SER B 143 -21.89 -2.61 9.18
CA SER B 143 -22.85 -1.54 8.95
C SER B 143 -22.56 -0.33 9.84
N GLY B 144 -21.95 -0.55 11.01
CA GLY B 144 -21.62 0.55 11.90
C GLY B 144 -20.42 1.37 11.47
N ILE B 145 -19.59 0.82 10.57
CA ILE B 145 -18.41 1.54 10.13
C ILE B 145 -18.82 2.84 9.44
N GLY B 146 -18.05 3.89 9.68
CA GLY B 146 -18.35 5.21 9.16
C GLY B 146 -19.28 6.04 10.01
N LYS B 147 -19.89 5.45 11.03
CA LYS B 147 -20.78 6.14 11.95
C LYS B 147 -20.04 6.54 13.21
N PRO B 148 -20.17 7.78 13.68
CA PRO B 148 -19.27 8.29 14.73
C PRO B 148 -19.56 7.73 16.12
N ASP B 149 -20.68 7.05 16.34
CA ASP B 149 -21.05 6.58 17.66
C ASP B 149 -20.47 5.22 18.01
N TYR B 150 -19.64 4.64 17.14
CA TYR B 150 -19.05 3.34 17.39
C TYR B 150 -17.54 3.47 17.60
N LEU B 151 -16.98 2.46 18.26
CA LEU B 151 -15.59 2.49 18.72
C LEU B 151 -14.71 1.57 17.90
N LEU B 152 -13.51 2.06 17.56
CA LEU B 152 -12.39 1.24 17.15
C LEU B 152 -11.28 1.44 18.17
N LEU B 153 -10.74 0.34 18.68
CA LEU B 153 -9.74 0.39 19.75
C LEU B 153 -8.38 0.01 19.19
N TYR B 154 -7.35 0.77 19.54
CA TYR B 154 -6.03 0.61 18.97
C TYR B 154 -5.00 0.48 20.08
N SER B 155 -4.00 -0.36 19.86
CA SER B 155 -2.91 -0.50 20.81
C SER B 155 -1.64 -0.84 20.04
N GLY B 156 -0.53 -0.26 20.48
CA GLY B 156 0.73 -0.40 19.78
C GLY B 156 1.45 0.93 19.68
N SER B 157 1.97 1.24 18.51
CA SER B 157 2.78 2.44 18.33
C SER B 157 1.93 3.69 18.55
N GLN B 158 2.36 4.52 19.50
CA GLN B 158 1.63 5.75 19.80
C GLN B 158 1.85 6.80 18.72
N ALA B 159 3.07 6.89 18.18
CA ALA B 159 3.32 7.81 17.09
C ALA B 159 2.49 7.45 15.87
N ALA B 160 2.26 6.15 15.64
CA ALA B 160 1.40 5.73 14.54
C ALA B 160 -0.06 6.11 14.80
N PHE B 161 -0.50 6.05 16.06
CA PHE B 161 -1.86 6.47 16.39
C PHE B 161 -2.02 7.97 16.22
N ASP B 162 -1.12 8.76 16.81
CA ASP B 162 -1.20 10.20 16.68
C ASP B 162 -1.13 10.64 15.22
N GLY B 163 -0.24 10.03 14.44
CA GLY B 163 -0.07 10.41 13.05
C GLY B 163 -1.17 9.91 12.13
N SER B 164 -1.91 8.87 12.53
CA SER B 164 -2.96 8.32 11.69
C SER B 164 -4.37 8.58 12.22
N ARG B 165 -4.49 9.18 13.41
CA ARG B 165 -5.81 9.29 14.05
C ARG B 165 -6.81 10.01 13.16
N GLY B 166 -6.37 11.07 12.49
CA GLY B 166 -7.27 11.80 11.60
C GLY B 166 -7.85 10.92 10.51
N THR B 167 -7.00 10.10 9.89
CA THR B 167 -7.48 9.20 8.83
C THR B 167 -8.31 8.06 9.40
N LEU B 168 -7.90 7.52 10.56
CA LEU B 168 -8.67 6.45 11.19
C LEU B 168 -10.04 6.94 11.65
N CME B 169 -10.18 8.24 11.91
CA CME B 169 -11.47 8.81 12.29
CB CME B 169 -11.33 10.30 12.55
SG CME B 169 -10.57 10.70 14.13
SD CME B 169 -12.25 11.14 15.14
CE CME B 169 -13.34 12.51 14.66
CZ CME B 169 -12.53 13.80 14.59
OH CME B 169 -11.82 13.99 15.80
C CME B 169 -12.54 8.59 11.22
O CME B 169 -13.73 8.69 11.53
N ALA B 170 -12.14 8.29 9.99
CA ALA B 170 -13.11 7.96 8.95
C ALA B 170 -13.88 6.69 9.28
N LEU B 171 -13.27 5.78 10.05
CA LEU B 171 -13.88 4.49 10.34
C LEU B 171 -14.80 4.52 11.55
N GLY B 172 -14.65 5.51 12.42
CA GLY B 172 -15.37 5.53 13.67
C GLY B 172 -14.52 6.27 14.70
N GLU B 173 -14.97 6.22 15.94
CA GLU B 173 -14.27 6.92 17.00
C GLU B 173 -13.07 6.09 17.47
N PRO B 174 -11.85 6.59 17.36
CA PRO B 174 -10.66 5.81 17.74
C PRO B 174 -10.25 6.04 19.19
N MET B 175 -9.81 4.96 19.83
CA MET B 175 -9.31 5.03 21.19
C MET B 175 -7.96 4.33 21.27
N ASN B 176 -6.96 5.05 21.76
CA ASN B 176 -5.62 4.51 21.97
C ASN B 176 -5.61 3.85 23.35
N LEU B 177 -5.52 2.51 23.36
CA LEU B 177 -5.50 1.78 24.62
C LEU B 177 -4.15 1.81 25.30
N GLY B 178 -3.08 2.03 24.55
CA GLY B 178 -1.76 2.05 25.13
C GLY B 178 -0.75 1.47 24.16
N THR B 179 0.45 1.24 24.70
CA THR B 179 1.62 0.90 23.90
C THR B 179 1.75 -0.59 23.60
N ASP B 180 1.09 -1.45 24.37
CA ASP B 180 1.20 -2.89 24.22
C ASP B 180 0.20 -3.34 23.15
N ALA B 181 0.73 -3.77 22.00
CA ALA B 181 -0.13 -4.07 20.85
C ALA B 181 -1.18 -5.14 21.15
N ALA B 182 -0.91 -6.01 22.13
CA ALA B 182 -1.84 -7.09 22.45
C ALA B 182 -3.03 -6.65 23.30
N MET B 183 -3.08 -5.38 23.73
CA MET B 183 -4.16 -4.94 24.61
C MET B 183 -5.51 -4.98 23.90
N ALA B 184 -5.56 -4.57 22.63
CA ALA B 184 -6.84 -4.46 21.93
C ALA B 184 -7.55 -5.80 21.88
N SER B 185 -6.80 -6.88 21.66
CA SER B 185 -7.40 -8.20 21.67
C SER B 185 -8.04 -8.53 23.00
N VAL B 186 -7.35 -8.21 24.11
CA VAL B 186 -7.91 -8.48 25.43
C VAL B 186 -9.08 -7.56 25.72
N TYR B 187 -8.97 -6.29 25.34
CA TYR B 187 -10.06 -5.34 25.57
C TYR B 187 -11.35 -5.81 24.92
N ASP B 188 -11.28 -6.26 23.67
CA ASP B 188 -12.46 -6.74 22.98
C ASP B 188 -13.12 -7.88 23.75
N THR B 189 -12.32 -8.84 24.22
CA THR B 189 -12.87 -9.96 24.98
C THR B 189 -13.52 -9.48 26.27
N ALA B 190 -12.82 -8.61 27.01
CA ALA B 190 -13.37 -8.08 28.26
C ALA B 190 -14.65 -7.28 28.01
N LEU B 191 -14.63 -6.42 27.00
CA LEU B 191 -15.79 -5.59 26.70
C LEU B 191 -16.98 -6.43 26.24
N LEU B 192 -16.72 -7.53 25.52
CA LEU B 192 -17.82 -8.42 25.13
C LEU B 192 -18.41 -9.11 26.35
N GLY B 193 -17.57 -9.55 27.29
CA GLY B 193 -18.11 -10.11 28.53
C GLY B 193 -18.96 -9.11 29.29
N LEU B 194 -18.55 -7.84 29.30
CA LEU B 194 -19.35 -6.79 29.91
C LEU B 194 -20.67 -6.61 29.17
N MET B 195 -20.65 -6.67 27.84
CA MET B 195 -21.88 -6.58 27.06
C MET B 195 -22.82 -7.75 27.36
N TRP B 196 -22.26 -8.97 27.46
CA TRP B 196 -23.09 -10.13 27.71
C TRP B 196 -23.67 -10.11 29.12
N GLY B 197 -22.90 -9.62 30.10
CA GLY B 197 -23.46 -9.43 31.42
C GLY B 197 -24.61 -8.45 31.43
N THR B 198 -24.46 -7.34 30.71
CA THR B 198 -25.53 -6.35 30.62
C THR B 198 -26.74 -6.95 29.92
N LEU B 199 -26.53 -7.64 28.79
CA LEU B 199 -27.65 -8.17 28.02
C LEU B 199 -28.36 -9.29 28.74
N THR B 200 -27.65 -10.07 29.56
CA THR B 200 -28.29 -11.15 30.30
C THR B 200 -29.15 -10.59 31.43
N GLY B 201 -28.66 -9.55 32.12
CA GLY B 201 -29.47 -8.89 33.11
C GLY B 201 -30.64 -8.14 32.51
N TRP B 202 -30.50 -7.69 31.26
CA TRP B 202 -31.61 -7.05 30.56
C TRP B 202 -32.69 -8.07 30.21
N LEU B 203 -32.29 -9.24 29.68
CA LEU B 203 -33.27 -10.28 29.35
C LEU B 203 -34.03 -10.73 30.59
N HIS B 204 -33.31 -10.95 31.70
CA HIS B 204 -33.98 -11.30 32.95
C HIS B 204 -34.98 -10.23 33.36
N GLY B 205 -34.59 -8.96 33.24
CA GLY B 205 -35.51 -7.88 33.55
C GLY B 205 -36.69 -7.82 32.61
N VAL B 206 -36.44 -8.01 31.31
CA VAL B 206 -37.52 -8.05 30.33
C VAL B 206 -38.51 -9.17 30.67
N ALA B 207 -37.98 -10.36 30.97
CA ALA B 207 -38.84 -11.48 31.32
C ALA B 207 -39.63 -11.19 32.60
N LEU B 208 -38.97 -10.63 33.61
CA LEU B 208 -39.64 -10.30 34.85
C LEU B 208 -40.76 -9.29 34.63
N MET B 209 -40.50 -8.26 33.81
CA MET B 209 -41.52 -7.26 33.52
C MET B 209 -42.69 -7.86 32.74
N GLY B 210 -42.39 -8.65 31.71
CA GLY B 210 -43.43 -9.18 30.86
C GLY B 210 -44.25 -10.31 31.46
N ALA B 211 -43.85 -10.83 32.62
CA ALA B 211 -44.58 -11.94 33.22
C ALA B 211 -45.89 -11.45 33.81
N ASP B 212 -46.84 -12.39 33.93
CA ASP B 212 -48.13 -12.08 34.52
C ASP B 212 -47.98 -11.77 36.00
N GLY B 213 -48.88 -10.93 36.50
CA GLY B 213 -48.88 -10.57 37.90
C GLY B 213 -48.97 -9.08 38.13
N PRO B 214 -49.15 -8.68 39.38
CA PRO B 214 -49.23 -7.25 39.71
C PRO B 214 -47.99 -6.49 39.22
N GLY B 215 -48.23 -5.43 38.47
CA GLY B 215 -47.15 -4.66 37.88
C GLY B 215 -46.52 -5.28 36.67
N GLY B 216 -47.02 -6.43 36.21
CA GLY B 216 -46.43 -7.15 35.12
C GLY B 216 -47.04 -6.82 33.78
N ASN B 217 -46.81 -7.72 32.81
CA ASN B 217 -47.30 -7.57 31.44
C ASN B 217 -46.83 -6.25 30.84
N VAL B 218 -45.59 -5.87 31.15
CA VAL B 218 -44.97 -4.67 30.59
C VAL B 218 -44.10 -5.10 29.42
N THR B 219 -44.22 -4.37 28.31
CA THR B 219 -43.44 -4.69 27.13
C THR B 219 -41.96 -4.45 27.38
N ALA B 220 -41.12 -5.14 26.60
CA ALA B 220 -39.69 -4.93 26.70
C ALA B 220 -39.31 -3.53 26.24
N THR B 221 -40.04 -2.97 25.28
CA THR B 221 -39.78 -1.61 24.81
C THR B 221 -40.00 -0.60 25.93
N ALA B 222 -41.08 -0.76 26.69
CA ALA B 222 -41.36 0.15 27.80
C ALA B 222 -40.31 0.01 28.90
N PHE B 223 -40.00 -1.23 29.27
CA PHE B 223 -38.98 -1.47 30.28
C PHE B 223 -37.64 -0.88 29.85
N THR B 224 -37.26 -1.11 28.59
CA THR B 224 -35.96 -0.63 28.11
C THR B 224 -35.89 0.90 28.07
N GLU B 225 -37.03 1.57 27.89
CA GLU B 225 -37.06 3.03 28.03
C GLU B 225 -36.53 3.44 29.40
N VAL B 226 -37.08 2.85 30.46
CA VAL B 226 -36.63 3.16 31.81
C VAL B 226 -35.22 2.65 32.03
N ALA B 227 -34.92 1.46 31.52
CA ALA B 227 -33.59 0.90 31.67
C ALA B 227 -32.53 1.82 31.08
N ASN B 228 -32.83 2.46 29.94
CA ASN B 228 -31.87 3.37 29.32
C ASN B 228 -31.47 4.50 30.26
N ARG B 229 -32.45 5.10 30.95
CA ARG B 229 -32.12 6.15 31.91
C ARG B 229 -31.32 5.57 33.07
N TRP B 230 -31.69 4.38 33.54
CA TRP B 230 -31.06 3.79 34.71
C TRP B 230 -29.62 3.39 34.44
N MET B 231 -29.28 3.07 33.19
CA MET B 231 -27.92 2.65 32.87
C MET B 231 -26.90 3.75 33.09
N LYS B 232 -27.32 5.02 33.14
CA LYS B 232 -26.40 6.08 33.52
C LYS B 232 -25.92 5.90 34.96
N THR B 233 -26.85 5.53 35.86
CA THR B 233 -26.48 5.26 37.24
C THR B 233 -25.58 4.04 37.34
N VAL B 234 -25.85 3.01 36.52
CA VAL B 234 -25.00 1.82 36.53
C VAL B 234 -23.58 2.17 36.11
N GLY B 235 -23.43 3.08 35.15
CA GLY B 235 -22.11 3.50 34.73
C GLY B 235 -21.37 4.28 35.80
N VAL B 236 -22.10 5.10 36.58
CA VAL B 236 -21.48 5.82 37.68
C VAL B 236 -20.96 4.84 38.73
N PHE B 237 -21.71 3.75 38.97
CA PHE B 237 -21.23 2.72 39.89
C PHE B 237 -19.90 2.14 39.42
N MET B 238 -19.81 1.82 38.13
CA MET B 238 -18.56 1.30 37.58
C MET B 238 -17.44 2.32 37.73
N ASN B 239 -17.74 3.60 37.50
CA ASN B 239 -16.73 4.64 37.67
C ASN B 239 -16.31 4.79 39.13
N THR B 240 -17.24 4.56 40.05
CA THR B 240 -16.93 4.66 41.48
C THR B 240 -16.18 3.44 41.98
N TYR B 241 -16.43 2.27 41.39
CA TYR B 241 -15.86 1.03 41.89
C TYR B 241 -14.50 0.69 41.28
N ALA B 242 -14.18 1.23 40.11
CA ALA B 242 -12.88 0.94 39.51
C ALA B 242 -11.71 1.37 40.39
N PRO B 243 -11.71 2.55 41.02
CA PRO B 243 -10.63 2.85 41.97
C PRO B 243 -10.60 1.93 43.17
N HIS B 244 -11.76 1.37 43.58
CA HIS B 244 -11.76 0.41 44.67
C HIS B 244 -10.87 -0.79 44.34
N VAL B 245 -10.99 -1.31 43.12
CA VAL B 245 -10.19 -2.48 42.72
C VAL B 245 -8.71 -2.13 42.68
N ASP B 246 -8.38 -0.96 42.14
CA ASP B 246 -6.97 -0.58 41.99
C ASP B 246 -6.34 -0.31 43.36
N ALA B 247 -7.06 0.37 44.25
CA ALA B 247 -6.51 0.64 45.58
C ALA B 247 -6.52 -0.59 46.47
N GLY B 248 -7.32 -1.60 46.14
CA GLY B 248 -7.47 -2.74 47.02
C GLY B 248 -8.30 -2.45 48.26
N HIS B 249 -9.11 -1.40 48.23
CA HIS B 249 -9.95 -1.00 49.35
C HIS B 249 -11.34 -0.71 48.83
N TYR B 250 -12.35 -1.33 49.44
CA TYR B 250 -13.72 -1.35 48.92
C TYR B 250 -14.70 -0.79 49.95
N PRO B 251 -14.70 0.52 50.18
CA PRO B 251 -15.64 1.10 51.14
C PRO B 251 -17.07 1.01 50.64
N GLY B 252 -17.90 0.23 51.33
CA GLY B 252 -19.27 0.01 50.89
C GLY B 252 -20.17 1.20 51.09
N ASP B 253 -19.92 2.00 52.13
CA ASP B 253 -20.70 3.18 52.44
C ASP B 253 -22.20 2.89 52.48
N GLU B 254 -22.95 3.51 51.57
CA GLU B 254 -24.40 3.37 51.55
C GLU B 254 -24.89 2.21 50.68
N PHE B 255 -23.98 1.36 50.17
CA PHE B 255 -24.38 0.26 49.31
C PHE B 255 -23.41 -0.90 49.57
N THR B 256 -23.69 -1.63 50.65
CA THR B 256 -22.80 -2.68 51.11
C THR B 256 -23.19 -4.03 50.50
N LEU B 257 -22.30 -5.01 50.66
CA LEU B 257 -22.55 -6.35 50.12
C LEU B 257 -23.75 -7.01 50.79
N HIS B 258 -24.05 -6.64 52.04
CA HIS B 258 -25.24 -7.15 52.70
C HIS B 258 -26.49 -6.75 51.92
N LEU B 259 -26.59 -5.47 51.53
CA LEU B 259 -27.75 -5.00 50.78
C LEU B 259 -27.83 -5.69 49.42
N HIS B 260 -26.69 -5.88 48.76
CA HIS B 260 -26.67 -6.63 47.50
C HIS B 260 -27.21 -8.04 47.71
N HIS B 261 -26.64 -8.78 48.66
CA HIS B 261 -27.12 -10.12 48.97
C HIS B 261 -28.59 -10.09 49.37
N ARG B 262 -28.99 -9.06 50.12
CA ARG B 262 -30.38 -8.89 50.53
C ARG B 262 -31.30 -8.87 49.33
N THR B 263 -31.14 -7.86 48.46
CA THR B 263 -32.06 -7.67 47.34
C THR B 263 -31.84 -8.68 46.22
N MET B 264 -30.67 -9.33 46.16
CA MET B 264 -30.50 -10.43 45.22
C MET B 264 -31.45 -11.56 45.52
N ASN B 265 -31.61 -11.91 46.80
CA ASN B 265 -32.56 -12.94 47.18
C ASN B 265 -34.00 -12.47 47.00
N ILE B 266 -34.23 -11.16 47.09
CA ILE B 266 -35.52 -10.62 46.68
C ILE B 266 -35.73 -10.84 45.18
N LEU B 267 -34.71 -10.53 44.39
CA LEU B 267 -34.75 -10.83 42.96
C LEU B 267 -34.91 -12.32 42.72
N ALA B 268 -34.23 -13.15 43.51
CA ALA B 268 -34.27 -14.58 43.30
C ALA B 268 -35.68 -15.13 43.50
N HIS B 269 -36.33 -14.75 44.59
CA HIS B 269 -37.69 -15.21 44.84
C HIS B 269 -38.66 -14.67 43.81
N ALA B 270 -38.55 -13.37 43.50
CA ALA B 270 -39.46 -12.74 42.55
C ALA B 270 -39.37 -13.39 41.18
N SER B 271 -38.16 -13.79 40.77
CA SER B 271 -37.98 -14.43 39.47
C SER B 271 -38.60 -15.81 39.44
N GLU B 272 -38.44 -16.58 40.52
CA GLU B 272 -39.00 -17.93 40.56
C GLU B 272 -40.52 -17.88 40.48
N LEU B 273 -41.15 -16.93 41.18
CA LEU B 273 -42.60 -16.81 41.17
C LEU B 273 -43.14 -16.46 39.78
N ARG B 274 -42.28 -16.00 38.87
CA ARG B 274 -42.69 -15.65 37.52
C ARG B 274 -42.22 -16.66 36.48
N GLY B 275 -41.45 -17.67 36.87
CA GLY B 275 -40.93 -18.63 35.92
C GLY B 275 -39.73 -18.14 35.13
N VAL B 276 -39.07 -17.09 35.60
CA VAL B 276 -37.87 -16.58 34.95
C VAL B 276 -36.68 -17.31 35.56
N VAL B 277 -36.08 -18.21 34.77
CA VAL B 277 -34.93 -18.99 35.20
C VAL B 277 -33.80 -18.69 34.25
N SER B 278 -32.93 -17.75 34.62
CA SER B 278 -31.75 -17.42 33.84
C SER B 278 -30.45 -17.81 34.52
N GLY B 279 -30.52 -18.34 35.73
CA GLY B 279 -29.33 -18.63 36.51
C GLY B 279 -28.62 -17.42 37.06
N LEU B 280 -29.02 -16.21 36.69
CA LEU B 280 -28.36 -15.02 37.18
C LEU B 280 -28.50 -14.85 38.70
N PRO B 281 -29.68 -14.95 39.32
CA PRO B 281 -29.74 -14.76 40.78
C PRO B 281 -28.91 -15.78 41.54
N GLU B 282 -28.94 -17.05 41.14
CA GLU B 282 -28.14 -18.06 41.82
C GLU B 282 -26.65 -17.74 41.71
N LEU B 283 -26.22 -17.27 40.54
CA LEU B 283 -24.83 -16.84 40.39
C LEU B 283 -24.50 -15.70 41.34
N LEU B 284 -25.40 -14.73 41.44
CA LEU B 284 -25.13 -13.52 42.24
C LEU B 284 -25.13 -13.83 43.73
N THR B 285 -26.15 -14.55 44.20
CA THR B 285 -26.25 -14.82 45.63
C THR B 285 -25.10 -15.69 46.12
N GLU B 286 -24.65 -16.64 45.29
CA GLU B 286 -23.54 -17.49 45.68
C GLU B 286 -22.24 -16.70 45.76
N LEU B 287 -22.07 -15.69 44.90
CA LEU B 287 -20.85 -14.89 44.91
C LEU B 287 -20.82 -13.93 46.11
N THR B 288 -21.90 -13.17 46.31
CA THR B 288 -21.94 -12.22 47.41
C THR B 288 -21.97 -12.93 48.76
N GLY B 289 -22.59 -14.11 48.83
CA GLY B 289 -22.61 -14.85 50.08
C GLY B 289 -21.23 -15.26 50.55
N ARG B 290 -20.36 -15.63 49.61
CA ARG B 290 -19.00 -16.03 49.98
C ARG B 290 -18.20 -14.85 50.52
N ALA B 291 -18.39 -13.66 49.95
CA ALA B 291 -17.66 -12.49 50.45
C ALA B 291 -18.21 -12.04 51.80
N ILE B 292 -19.52 -12.23 52.04
CA ILE B 292 -20.09 -11.92 53.34
C ILE B 292 -19.62 -12.93 54.38
N THR B 293 -19.60 -14.21 54.03
CA THR B 293 -19.08 -15.24 54.92
C THR B 293 -17.61 -14.99 55.26
N ALA B 294 -16.88 -14.30 54.40
CA ALA B 294 -15.48 -13.96 54.63
C ALA B 294 -15.29 -12.68 55.43
N GLY B 295 -16.37 -12.01 55.81
CA GLY B 295 -16.29 -10.85 56.67
C GLY B 295 -16.30 -9.50 55.99
N HIS B 296 -16.72 -9.41 54.72
CA HIS B 296 -16.66 -8.18 53.96
C HIS B 296 -18.05 -7.62 53.65
N GLY B 297 -19.05 -7.96 54.45
CA GLY B 297 -20.42 -7.55 54.17
C GLY B 297 -20.64 -6.05 54.14
N ASN B 298 -19.73 -5.28 54.72
CA ASN B 298 -19.83 -3.83 54.70
C ASN B 298 -19.08 -3.19 53.54
N ASP B 299 -18.48 -3.99 52.67
CA ASP B 299 -17.68 -3.49 51.57
C ASP B 299 -18.54 -3.22 50.34
N SER B 300 -17.92 -2.63 49.32
CA SER B 300 -18.60 -2.36 48.07
C SER B 300 -18.56 -3.58 47.17
N TYR B 301 -19.30 -3.49 46.06
CA TYR B 301 -19.37 -4.57 45.09
C TYR B 301 -18.00 -4.91 44.52
N ALA B 302 -17.09 -3.93 44.50
CA ALA B 302 -15.76 -4.16 43.93
C ALA B 302 -14.95 -5.17 44.72
N ARG B 303 -15.26 -5.39 46.00
CA ARG B 303 -14.59 -6.43 46.76
C ARG B 303 -14.74 -7.80 46.10
N LEU B 304 -15.87 -8.02 45.40
CA LEU B 304 -16.12 -9.28 44.74
C LEU B 304 -15.08 -9.61 43.65
N VAL B 305 -14.24 -8.65 43.26
CA VAL B 305 -13.20 -8.96 42.28
C VAL B 305 -12.21 -9.96 42.85
N GLU B 306 -12.00 -9.94 44.17
CA GLU B 306 -11.07 -10.87 44.80
C GLU B 306 -11.62 -12.29 44.87
N PHE B 307 -12.89 -12.50 44.53
CA PHE B 307 -13.51 -13.79 44.64
C PHE B 307 -13.77 -14.44 43.28
N ILE B 308 -13.30 -13.84 42.19
CA ILE B 308 -13.39 -14.44 40.86
C ILE B 308 -11.98 -14.56 40.27
N ARG B 309 -11.06 -13.71 40.72
CA ARG B 309 -9.69 -13.75 40.23
C ARG B 309 -8.75 -14.36 41.27
N GLY C 22 -43.63 27.69 48.99
CA GLY C 22 -43.52 26.30 48.59
C GLY C 22 -44.77 25.50 48.90
N ALA C 23 -44.99 24.43 48.15
CA ALA C 23 -46.16 23.60 48.35
C ALA C 23 -46.10 22.89 49.70
N LYS C 24 -47.26 22.75 50.33
CA LYS C 24 -47.33 22.02 51.59
C LYS C 24 -47.15 20.53 51.33
N VAL C 25 -46.20 19.91 52.02
CA VAL C 25 -45.92 18.49 51.87
C VAL C 25 -45.62 17.91 53.25
N THR C 26 -46.08 16.69 53.49
CA THR C 26 -45.83 15.95 54.72
C THR C 26 -44.99 14.71 54.40
N VAL C 27 -44.00 14.44 55.26
CA VAL C 27 -43.18 13.24 55.17
C VAL C 27 -43.44 12.39 56.41
N LEU C 28 -43.97 11.18 56.19
CA LEU C 28 -44.14 10.21 57.26
C LEU C 28 -42.94 9.27 57.26
N GLY C 29 -42.12 9.37 58.30
CA GLY C 29 -40.93 8.55 58.41
C GLY C 29 -39.67 9.38 58.45
N LEU C 30 -38.91 9.27 59.54
CA LEU C 30 -37.66 10.02 59.71
C LEU C 30 -36.46 9.11 59.87
N GLY C 31 -36.53 7.92 59.29
CA GLY C 31 -35.35 7.08 59.15
C GLY C 31 -34.35 7.76 58.24
N PRO C 32 -33.24 7.07 57.95
CA PRO C 32 -32.20 7.69 57.11
C PRO C 32 -32.72 8.17 55.75
N MET C 33 -33.56 7.38 55.09
CA MET C 33 -34.10 7.81 53.81
C MET C 33 -35.22 8.83 53.99
N GLY C 34 -36.10 8.62 54.98
CA GLY C 34 -37.17 9.56 55.22
C GLY C 34 -36.67 10.95 55.60
N ALA C 35 -35.61 11.00 56.40
CA ALA C 35 -35.03 12.30 56.76
C ALA C 35 -34.37 12.96 55.57
N ALA C 36 -33.84 12.18 54.62
CA ALA C 36 -33.27 12.76 53.41
C ALA C 36 -34.35 13.33 52.50
N LEU C 37 -35.55 12.75 52.53
CA LEU C 37 -36.64 13.27 51.71
C LEU C 37 -37.14 14.60 52.23
N ALA C 38 -37.36 14.70 53.55
CA ALA C 38 -37.83 15.95 54.14
C ALA C 38 -36.81 17.08 53.91
N GLY C 39 -35.53 16.79 54.10
CA GLY C 39 -34.51 17.81 53.85
C GLY C 39 -34.47 18.26 52.42
N ALA C 40 -34.73 17.35 51.47
CA ALA C 40 -34.77 17.74 50.07
C ALA C 40 -36.00 18.59 49.76
N PHE C 41 -37.15 18.23 50.34
CA PHE C 41 -38.33 19.10 50.24
C PHE C 41 -38.04 20.48 50.84
N LEU C 42 -37.24 20.52 51.91
CA LEU C 42 -36.89 21.80 52.52
C LEU C 42 -35.89 22.56 51.66
N ALA C 43 -34.98 21.85 51.00
CA ALA C 43 -34.02 22.51 50.12
C ALA C 43 -34.73 23.24 48.97
N ALA C 44 -35.76 22.60 48.40
CA ALA C 44 -36.54 23.22 47.35
C ALA C 44 -37.49 24.29 47.87
N GLY C 45 -37.62 24.44 49.18
CA GLY C 45 -38.43 25.50 49.76
C GLY C 45 -39.86 25.13 50.08
N HIS C 46 -40.18 23.84 50.14
CA HIS C 46 -41.55 23.42 50.41
C HIS C 46 -41.83 23.48 51.90
N ARG C 47 -43.06 23.87 52.24
CA ARG C 47 -43.52 23.90 53.63
C ARG C 47 -43.71 22.47 54.12
N THR C 48 -42.68 21.92 54.77
CA THR C 48 -42.62 20.50 55.07
C THR C 48 -42.99 20.25 56.52
N THR C 49 -44.06 19.49 56.73
CA THR C 49 -44.43 18.97 58.04
C THR C 49 -43.93 17.53 58.15
N VAL C 50 -43.30 17.20 59.28
CA VAL C 50 -42.63 15.92 59.41
C VAL C 50 -43.12 15.20 60.66
N TRP C 51 -43.07 13.86 60.60
CA TRP C 51 -43.49 13.03 61.71
C TRP C 51 -42.66 11.75 61.72
N ASN C 52 -42.37 11.25 62.92
CA ASN C 52 -41.65 10.00 63.08
C ASN C 52 -42.32 9.17 64.16
N ARG C 53 -42.29 7.84 63.97
CA ARG C 53 -42.86 6.94 64.97
C ARG C 53 -42.16 7.07 66.32
N THR C 54 -40.91 7.54 66.31
CA THR C 54 -40.09 7.58 67.53
C THR C 54 -39.67 9.00 67.84
N PRO C 55 -39.98 9.53 69.02
CA PRO C 55 -39.36 10.80 69.44
C PRO C 55 -37.99 10.58 70.06
N GLY C 56 -36.94 10.84 69.28
CA GLY C 56 -35.59 10.69 69.79
C GLY C 56 -34.82 11.99 69.80
N LYS C 57 -34.20 12.33 68.67
CA LYS C 57 -33.57 13.62 68.48
C LYS C 57 -34.24 14.31 67.30
N GLY C 58 -34.35 15.64 67.38
CA GLY C 58 -35.12 16.39 66.40
C GLY C 58 -34.45 16.52 65.04
N GLY C 59 -33.17 16.16 64.93
CA GLY C 59 -32.45 16.30 63.69
C GLY C 59 -32.31 17.76 63.29
N SER C 60 -31.69 17.96 62.13
CA SER C 60 -31.49 19.29 61.58
C SER C 60 -32.75 19.87 60.96
N LEU C 61 -33.84 19.10 60.90
CA LEU C 61 -34.99 19.48 60.08
C LEU C 61 -35.67 20.74 60.60
N ALA C 62 -35.97 20.78 61.89
CA ALA C 62 -36.61 21.97 62.45
C ALA C 62 -35.74 23.21 62.27
N GLY C 63 -34.41 23.04 62.33
CA GLY C 63 -33.48 24.10 61.99
C GLY C 63 -33.34 24.38 60.51
N GLU C 64 -33.97 23.57 59.66
CA GLU C 64 -34.00 23.80 58.22
C GLU C 64 -35.32 24.35 57.73
N GLY C 65 -36.38 24.31 58.54
CA GLY C 65 -37.65 24.90 58.16
C GLY C 65 -38.84 23.98 58.33
N ALA C 66 -38.62 22.77 58.79
CA ALA C 66 -39.70 21.80 58.93
C ALA C 66 -40.47 22.02 60.22
N THR C 67 -41.71 21.57 60.22
CA THR C 67 -42.57 21.59 61.40
C THR C 67 -42.73 20.15 61.88
N GLU C 68 -41.96 19.77 62.88
CA GLU C 68 -42.03 18.42 63.43
C GLU C 68 -43.26 18.29 64.33
N VAL C 69 -44.10 17.31 64.04
CA VAL C 69 -45.30 17.06 64.83
C VAL C 69 -45.23 15.64 65.38
N ALA C 70 -45.92 15.42 66.50
CA ALA C 70 -45.73 14.19 67.27
C ALA C 70 -46.49 12.99 66.71
N SER C 71 -47.67 13.20 66.14
CA SER C 71 -48.51 12.10 65.68
C SER C 71 -48.82 12.22 64.19
N ALA C 72 -49.04 11.06 63.56
CA ALA C 72 -49.24 11.04 62.12
C ALA C 72 -50.55 11.69 61.72
N ALA C 73 -51.58 11.61 62.56
CA ALA C 73 -52.85 12.25 62.26
C ALA C 73 -52.69 13.75 62.09
N GLU C 74 -51.93 14.39 62.98
CA GLU C 74 -51.62 15.81 62.82
C GLU C 74 -50.82 16.05 61.56
N ALA C 75 -49.84 15.17 61.29
CA ALA C 75 -48.98 15.36 60.12
C ALA C 75 -49.77 15.19 58.83
N VAL C 76 -50.63 14.17 58.76
CA VAL C 76 -51.41 13.94 57.54
C VAL C 76 -52.35 15.11 57.28
N ALA C 77 -52.94 15.67 58.34
CA ALA C 77 -53.91 16.75 58.21
C ALA C 77 -53.26 18.09 57.87
N ALA C 78 -51.94 18.18 57.84
CA ALA C 78 -51.27 19.46 57.61
C ALA C 78 -51.01 19.76 56.14
N SER C 79 -50.93 18.73 55.30
CA SER C 79 -50.51 18.91 53.92
C SER C 79 -51.38 18.06 53.00
N PRO C 80 -51.70 18.58 51.81
CA PRO C 80 -52.47 17.78 50.84
C PRO C 80 -51.64 16.69 50.16
N LEU C 81 -50.32 16.70 50.32
CA LEU C 81 -49.44 15.68 49.76
C LEU C 81 -48.72 14.97 50.89
N VAL C 82 -48.94 13.67 51.02
CA VAL C 82 -48.35 12.86 52.08
C VAL C 82 -47.35 11.89 51.44
N VAL C 83 -46.07 12.09 51.75
CA VAL C 83 -45.00 11.23 51.26
C VAL C 83 -44.64 10.26 52.38
N VAL C 84 -44.80 8.96 52.11
CA VAL C 84 -44.58 7.90 53.10
C VAL C 84 -43.26 7.21 52.78
N CYS C 85 -42.44 6.98 53.81
CA CYS C 85 -41.13 6.36 53.65
C CYS C 85 -40.81 5.61 54.95
N LEU C 86 -41.39 4.44 55.09
CA LEU C 86 -41.27 3.63 56.29
C LEU C 86 -40.44 2.39 55.99
N ALA C 87 -40.25 1.56 57.01
CA ALA C 87 -39.37 0.41 56.87
C ALA C 87 -39.99 -0.68 56.00
N THR C 88 -41.28 -0.97 56.21
CA THR C 88 -41.97 -2.02 55.48
C THR C 88 -43.36 -1.54 55.11
N TYR C 89 -44.04 -2.30 54.26
CA TYR C 89 -45.45 -2.05 54.00
C TYR C 89 -46.31 -2.45 55.19
N GLU C 90 -45.83 -3.40 55.99
CA GLU C 90 -46.51 -3.68 57.26
C GLU C 90 -46.48 -2.45 58.16
N ALA C 91 -45.37 -1.71 58.15
CA ALA C 91 -45.32 -0.43 58.86
C ALA C 91 -46.23 0.60 58.22
N VAL C 92 -46.39 0.54 56.89
CA VAL C 92 -47.24 1.51 56.21
C VAL C 92 -48.69 1.36 56.64
N HIS C 93 -49.18 0.13 56.72
CA HIS C 93 -50.57 -0.07 57.12
C HIS C 93 -50.77 -0.02 58.63
N GLU C 94 -49.69 -0.06 59.41
CA GLU C 94 -49.82 0.25 60.84
C GLU C 94 -50.07 1.75 61.04
N VAL C 95 -49.43 2.59 60.22
CA VAL C 95 -49.56 4.03 60.37
C VAL C 95 -50.82 4.54 59.68
N LEU C 96 -51.13 4.00 58.50
CA LEU C 96 -52.19 4.56 57.67
C LEU C 96 -53.58 4.06 58.03
N ASP C 97 -53.70 2.79 58.41
CA ASP C 97 -55.02 2.23 58.72
C ASP C 97 -55.81 3.04 59.75
N PRO C 98 -55.22 3.56 60.84
CA PRO C 98 -55.99 4.43 61.73
C PRO C 98 -56.30 5.80 61.13
N LEU C 99 -55.74 6.14 59.97
CA LEU C 99 -55.92 7.43 59.34
C LEU C 99 -56.84 7.39 58.13
N ALA C 100 -57.72 6.38 58.05
CA ALA C 100 -58.53 6.18 56.86
C ALA C 100 -59.32 7.42 56.50
N ASP C 101 -60.04 7.99 57.48
CA ASP C 101 -60.85 9.16 57.21
C ASP C 101 -60.01 10.43 57.06
N GLU C 102 -58.78 10.43 57.57
CA GLU C 102 -57.91 11.59 57.42
C GLU C 102 -57.26 11.67 56.04
N LEU C 103 -57.21 10.55 55.31
CA LEU C 103 -56.56 10.50 54.01
C LEU C 103 -57.52 10.80 52.86
N ALA C 104 -58.80 10.99 53.13
CA ALA C 104 -59.74 11.33 52.09
C ALA C 104 -59.40 12.69 51.50
N GLY C 105 -59.31 12.76 50.17
CA GLY C 105 -59.02 13.99 49.48
C GLY C 105 -57.55 14.28 49.28
N ARG C 106 -56.67 13.57 49.96
CA ARG C 106 -55.23 13.84 49.90
C ARG C 106 -54.55 12.89 48.92
N THR C 107 -53.33 13.26 48.54
CA THR C 107 -52.49 12.47 47.66
C THR C 107 -51.40 11.79 48.48
N VAL C 108 -51.33 10.47 48.40
CA VAL C 108 -50.37 9.68 49.16
C VAL C 108 -49.34 9.11 48.17
N VAL C 109 -48.07 9.45 48.39
CA VAL C 109 -46.96 8.96 47.59
C VAL C 109 -46.16 8.02 48.46
N ASN C 110 -46.16 6.73 48.12
CA ASN C 110 -45.60 5.69 48.98
C ASN C 110 -44.28 5.19 48.39
N LEU C 111 -43.17 5.75 48.88
CA LEU C 111 -41.84 5.36 48.46
C LEU C 111 -41.27 4.21 49.28
N THR C 112 -42.05 3.62 50.18
CA THR C 112 -41.63 2.44 50.89
C THR C 112 -41.32 1.31 49.90
N SER C 113 -40.33 0.49 50.24
CA SER C 113 -39.95 -0.64 49.41
C SER C 113 -40.73 -1.89 49.83
N GLY C 114 -41.21 -2.63 48.83
CA GLY C 114 -42.00 -3.81 49.12
C GLY C 114 -42.35 -4.55 47.85
N SER C 115 -43.29 -5.49 47.99
CA SER C 115 -43.69 -6.41 46.94
C SER C 115 -44.76 -5.80 46.06
N PRO C 116 -44.93 -6.33 44.83
CA PRO C 116 -46.00 -5.81 43.97
C PRO C 116 -47.39 -5.96 44.54
N VAL C 117 -47.69 -7.10 45.18
CA VAL C 117 -49.01 -7.27 45.77
C VAL C 117 -49.24 -6.27 46.90
N HIS C 118 -48.20 -6.01 47.70
CA HIS C 118 -48.33 -5.02 48.76
C HIS C 118 -48.60 -3.64 48.18
N ALA C 119 -47.98 -3.30 47.05
CA ALA C 119 -48.27 -2.05 46.39
C ALA C 119 -49.72 -2.00 45.91
N ARG C 120 -50.18 -3.08 45.27
CA ARG C 120 -51.54 -3.13 44.76
C ARG C 120 -52.56 -3.07 45.89
N GLU C 121 -52.36 -3.88 46.93
CA GLU C 121 -53.30 -3.93 48.05
C GLU C 121 -53.40 -2.58 48.75
N THR C 122 -52.25 -1.91 48.93
CA THR C 122 -52.29 -0.57 49.52
C THR C 122 -53.00 0.42 48.60
N ALA C 123 -52.81 0.27 47.29
CA ALA C 123 -53.47 1.14 46.33
C ALA C 123 -54.99 0.99 46.42
N ASN C 124 -55.47 -0.24 46.38
CA ASN C 124 -56.91 -0.48 46.46
C ASN C 124 -57.47 0.05 47.76
N TRP C 125 -56.76 -0.14 48.87
CA TRP C 125 -57.21 0.38 50.15
C TRP C 125 -57.32 1.90 50.10
N ALA C 126 -56.29 2.56 49.56
CA ALA C 126 -56.30 4.02 49.47
C ALA C 126 -57.44 4.50 48.57
N GLN C 127 -57.67 3.82 47.45
CA GLN C 127 -58.79 4.18 46.57
C GLN C 127 -60.12 4.09 47.32
N GLN C 128 -60.34 2.99 48.05
CA GLN C 128 -61.59 2.79 48.78
C GLN C 128 -61.85 3.88 49.80
N HIS C 129 -60.81 4.59 50.25
CA HIS C 129 -60.96 5.65 51.24
C HIS C 129 -60.78 7.04 50.64
N GLY C 130 -60.70 7.16 49.32
CA GLY C 130 -60.71 8.46 48.68
C GLY C 130 -59.37 9.15 48.59
N ALA C 131 -58.26 8.43 48.73
CA ALA C 131 -56.93 8.99 48.57
C ALA C 131 -56.37 8.62 47.21
N GLU C 132 -55.77 9.61 46.54
CA GLU C 132 -55.04 9.37 45.29
C GLU C 132 -53.70 8.73 45.65
N TYR C 133 -53.44 7.54 45.12
CA TYR C 133 -52.32 6.72 45.56
C TYR C 133 -51.30 6.58 44.44
N LEU C 134 -50.08 7.00 44.72
CA LEU C 134 -48.91 6.74 43.88
C LEU C 134 -47.93 5.89 44.68
N ASP C 135 -47.53 4.77 44.12
CA ASP C 135 -46.46 3.97 44.70
C ASP C 135 -45.17 4.25 43.94
N GLY C 136 -44.06 4.30 44.68
CA GLY C 136 -42.80 4.68 44.09
C GLY C 136 -41.64 3.87 44.65
N VAL C 137 -40.54 3.90 43.90
CA VAL C 137 -39.29 3.27 44.32
C VAL C 137 -38.16 4.27 44.10
N ILE C 138 -37.19 4.26 45.00
CA ILE C 138 -36.07 5.20 44.98
C ILE C 138 -34.85 4.47 44.43
N MET C 139 -34.41 4.85 43.24
CA MET C 139 -33.29 4.19 42.59
C MET C 139 -31.95 4.82 42.98
N THR C 140 -31.77 5.02 44.27
CA THR C 140 -30.54 5.55 44.84
C THR C 140 -30.61 5.37 46.36
N THR C 141 -29.64 5.93 47.05
CA THR C 141 -29.55 5.91 48.50
C THR C 141 -29.73 7.33 49.04
N PRO C 142 -29.90 7.49 50.37
CA PRO C 142 -30.22 8.82 50.90
C PRO C 142 -29.26 9.92 50.49
N SER C 143 -27.97 9.61 50.28
CA SER C 143 -27.04 10.63 49.81
C SER C 143 -27.31 11.05 48.38
N GLY C 144 -27.97 10.21 47.58
CA GLY C 144 -28.37 10.61 46.25
C GLY C 144 -29.64 11.42 46.20
N ILE C 145 -30.42 11.43 47.28
CA ILE C 145 -31.63 12.22 47.34
C ILE C 145 -31.30 13.70 47.26
N GLY C 146 -32.13 14.45 46.55
CA GLY C 146 -31.95 15.88 46.42
C GLY C 146 -31.00 16.31 45.32
N LYS C 147 -30.41 15.37 44.59
CA LYS C 147 -29.47 15.67 43.52
C LYS C 147 -30.08 15.31 42.17
N PRO C 148 -29.77 16.07 41.12
CA PRO C 148 -30.18 15.66 39.77
C PRO C 148 -29.36 14.46 39.31
N ASP C 149 -29.88 13.80 38.28
CA ASP C 149 -29.34 12.64 37.55
C ASP C 149 -29.66 11.31 38.23
N TYR C 150 -30.35 11.31 39.36
CA TYR C 150 -30.81 10.07 39.99
C TYR C 150 -32.31 9.91 39.80
N LEU C 151 -32.78 8.67 39.85
CA LEU C 151 -34.12 8.33 39.42
C LEU C 151 -35.02 7.96 40.60
N LEU C 152 -36.26 8.44 40.56
CA LEU C 152 -37.33 7.97 41.41
C LEU C 152 -38.50 7.60 40.51
N LEU C 153 -38.93 6.35 40.58
CA LEU C 153 -39.94 5.81 39.67
C LEU C 153 -41.28 5.74 40.39
N TYR C 154 -42.34 6.14 39.68
CA TYR C 154 -43.68 6.20 40.26
C TYR C 154 -44.67 5.43 39.39
N SER C 155 -45.64 4.80 40.05
CA SER C 155 -46.73 4.12 39.36
C SER C 155 -47.98 4.21 40.22
N GLY C 156 -49.10 4.53 39.57
CA GLY C 156 -50.34 4.76 40.28
C GLY C 156 -51.13 5.90 39.68
N SER C 157 -51.75 6.71 40.54
CA SER C 157 -52.62 7.79 40.09
C SER C 157 -51.88 8.79 39.19
N GLN C 158 -52.25 8.83 37.91
CA GLN C 158 -51.61 9.77 36.99
C GLN C 158 -51.96 11.20 37.32
N ALA C 159 -53.16 11.45 37.86
CA ALA C 159 -53.50 12.78 38.34
C ALA C 159 -52.61 13.17 39.51
N ALA C 160 -52.31 12.21 40.39
CA ALA C 160 -51.40 12.49 41.50
C ALA C 160 -50.01 12.84 40.99
N PHE C 161 -49.49 12.07 40.02
CA PHE C 161 -48.17 12.34 39.48
C PHE C 161 -48.12 13.70 38.78
N ASP C 162 -49.10 13.97 37.91
CA ASP C 162 -49.11 15.24 37.20
C ASP C 162 -49.30 16.41 38.16
N GLY C 163 -50.08 16.21 39.22
CA GLY C 163 -50.31 17.28 40.17
C GLY C 163 -49.15 17.52 41.11
N SER C 164 -48.38 16.48 41.41
CA SER C 164 -47.29 16.57 42.39
C SER C 164 -45.90 16.58 41.77
N ARG C 165 -45.78 16.47 40.44
CA ARG C 165 -44.47 16.31 39.82
C ARG C 165 -43.55 17.48 40.15
N GLY C 166 -44.08 18.71 40.12
CA GLY C 166 -43.26 19.86 40.47
C GLY C 166 -42.74 19.77 41.89
N THR C 167 -43.59 19.30 42.81
CA THR C 167 -43.14 19.12 44.19
C THR C 167 -42.17 17.95 44.30
N LEU C 168 -42.53 16.82 43.67
CA LEU C 168 -41.70 15.62 43.74
C LEU C 168 -40.34 15.81 43.08
N CME C 169 -40.20 16.80 42.19
CA CME C 169 -38.91 17.11 41.59
CB CME C 169 -39.06 18.22 40.55
SG CME C 169 -39.59 17.63 38.93
SD CME C 169 -37.87 17.25 37.97
CE CME C 169 -36.86 18.65 37.43
CZ CME C 169 -37.70 19.60 36.58
OH CME C 169 -38.05 18.96 35.36
C CME C 169 -37.87 17.52 42.62
O CME C 169 -36.68 17.56 42.29
N ALA C 170 -38.28 17.85 43.86
CA ALA C 170 -37.32 18.18 44.90
C ALA C 170 -36.46 16.98 45.30
N LEU C 171 -36.94 15.76 45.08
CA LEU C 171 -36.23 14.57 45.50
C LEU C 171 -35.26 14.05 44.45
N GLY C 172 -35.48 14.39 43.19
CA GLY C 172 -34.70 13.82 42.10
C GLY C 172 -35.57 13.74 40.87
N GLU C 173 -35.06 13.07 39.85
CA GLU C 173 -35.76 12.98 38.58
C GLU C 173 -36.95 12.04 38.67
N PRO C 174 -38.18 12.52 38.51
CA PRO C 174 -39.35 11.65 38.60
C PRO C 174 -39.74 11.07 37.25
N MET C 175 -40.07 9.79 37.24
CA MET C 175 -40.56 9.11 36.05
C MET C 175 -41.87 8.42 36.36
N ASN C 176 -42.86 8.65 35.50
CA ASN C 176 -44.16 8.01 35.63
C ASN C 176 -44.14 6.73 34.80
N LEU C 177 -44.24 5.58 35.49
CA LEU C 177 -44.19 4.29 34.82
C LEU C 177 -45.53 3.88 34.23
N GLY C 178 -46.62 4.31 34.85
CA GLY C 178 -47.94 3.95 34.37
C GLY C 178 -48.94 3.93 35.50
N THR C 179 -50.13 3.43 35.18
CA THR C 179 -51.29 3.49 36.07
C THR C 179 -51.35 2.34 37.07
N ASP C 180 -50.56 1.29 36.89
CA ASP C 180 -50.59 0.12 37.75
C ASP C 180 -49.63 0.33 38.92
N ALA C 181 -50.17 0.56 40.11
CA ALA C 181 -49.36 0.94 41.26
C ALA C 181 -48.30 -0.10 41.61
N ALA C 182 -48.48 -1.35 41.18
CA ALA C 182 -47.54 -2.42 41.48
C ALA C 182 -46.34 -2.43 40.54
N MET C 183 -46.31 -1.56 39.52
CA MET C 183 -45.22 -1.60 38.54
C MET C 183 -43.88 -1.19 39.14
N ALA C 184 -43.88 -0.17 40.00
CA ALA C 184 -42.61 0.36 40.52
C ALA C 184 -41.85 -0.70 41.29
N SER C 185 -42.56 -1.56 42.04
CA SER C 185 -41.90 -2.64 42.76
C SER C 185 -41.21 -3.60 41.79
N VAL C 186 -41.91 -3.98 40.71
CA VAL C 186 -41.33 -4.89 39.73
C VAL C 186 -40.18 -4.21 38.99
N TYR C 187 -40.35 -2.93 38.65
CA TYR C 187 -39.29 -2.21 37.96
C TYR C 187 -38.01 -2.15 38.78
N ASP C 188 -38.13 -1.87 40.08
CA ASP C 188 -36.95 -1.80 40.94
C ASP C 188 -36.17 -3.11 40.88
N THR C 189 -36.87 -4.25 41.02
CA THR C 189 -36.20 -5.54 41.01
C THR C 189 -35.55 -5.83 39.66
N ALA C 190 -36.28 -5.56 38.57
CA ALA C 190 -35.76 -5.82 37.24
C ALA C 190 -34.55 -4.93 36.93
N LEU C 191 -34.62 -3.65 37.34
CA LEU C 191 -33.49 -2.76 37.13
C LEU C 191 -32.30 -3.10 38.02
N LEU C 192 -32.54 -3.78 39.15
CA LEU C 192 -31.43 -4.26 39.97
C LEU C 192 -30.73 -5.45 39.30
N GLY C 193 -31.51 -6.39 38.76
CA GLY C 193 -30.91 -7.49 38.02
C GLY C 193 -30.11 -7.02 36.82
N LEU C 194 -30.60 -5.98 36.15
CA LEU C 194 -29.85 -5.38 35.06
C LEU C 194 -28.54 -4.78 35.56
N MET C 195 -28.58 -4.10 36.70
CA MET C 195 -27.35 -3.54 37.28
C MET C 195 -26.39 -4.64 37.70
N TRP C 196 -26.90 -5.74 38.25
CA TRP C 196 -26.03 -6.82 38.70
C TRP C 196 -25.41 -7.56 37.52
N GLY C 197 -26.17 -7.76 36.45
CA GLY C 197 -25.59 -8.34 35.25
C GLY C 197 -24.47 -7.49 34.68
N THR C 198 -24.67 -6.17 34.68
CA THR C 198 -23.66 -5.26 34.16
C THR C 198 -22.42 -5.23 35.04
N LEU C 199 -22.61 -5.11 36.36
CA LEU C 199 -21.48 -5.03 37.27
C LEU C 199 -20.70 -6.33 37.32
N THR C 200 -21.37 -7.47 37.14
CA THR C 200 -20.68 -8.76 37.11
C THR C 200 -19.88 -8.93 35.81
N GLY C 201 -20.49 -8.57 34.67
CA GLY C 201 -19.73 -8.52 33.43
C GLY C 201 -18.58 -7.54 33.49
N TRP C 202 -18.77 -6.43 34.22
CA TRP C 202 -17.70 -5.47 34.41
C TRP C 202 -16.60 -6.03 35.32
N LEU C 203 -16.99 -6.72 36.39
CA LEU C 203 -15.99 -7.36 37.25
C LEU C 203 -15.17 -8.38 36.46
N HIS C 204 -15.83 -9.20 35.65
CA HIS C 204 -15.13 -10.17 34.82
C HIS C 204 -14.13 -9.49 33.90
N GLY C 205 -14.54 -8.39 33.26
CA GLY C 205 -13.63 -7.66 32.41
C GLY C 205 -12.46 -7.06 33.17
N VAL C 206 -12.74 -6.51 34.35
CA VAL C 206 -11.67 -5.99 35.21
C VAL C 206 -10.67 -7.09 35.55
N ALA C 207 -11.17 -8.26 35.94
CA ALA C 207 -10.28 -9.37 36.29
C ALA C 207 -9.50 -9.84 35.07
N LEU C 208 -10.11 -9.82 33.89
CA LEU C 208 -9.42 -10.26 32.69
C LEU C 208 -8.37 -9.25 32.25
N MET C 209 -8.70 -7.95 32.31
CA MET C 209 -7.73 -6.93 31.89
C MET C 209 -6.58 -6.82 32.87
N GLY C 210 -6.85 -6.95 34.17
CA GLY C 210 -5.81 -6.81 35.16
C GLY C 210 -4.83 -7.97 35.21
N ALA C 211 -5.20 -9.11 34.65
CA ALA C 211 -4.39 -10.32 34.79
C ALA C 211 -3.09 -10.20 33.98
N ASP C 212 -2.11 -11.02 34.38
CA ASP C 212 -0.83 -11.03 33.70
C ASP C 212 -0.95 -11.72 32.35
N GLY C 213 -0.17 -11.23 31.38
CA GLY C 213 -0.18 -11.77 30.04
C GLY C 213 -0.07 -10.68 28.99
N PRO C 214 0.11 -11.09 27.74
CA PRO C 214 0.19 -10.10 26.66
C PRO C 214 -1.10 -9.30 26.57
N GLY C 215 -0.95 -7.98 26.57
CA GLY C 215 -2.08 -7.08 26.61
C GLY C 215 -2.74 -6.95 27.96
N GLY C 216 -2.20 -7.60 28.99
CA GLY C 216 -2.79 -7.61 30.31
C GLY C 216 -2.15 -6.62 31.25
N ASN C 217 -2.38 -6.83 32.55
CA ASN C 217 -1.92 -5.93 33.60
C ASN C 217 -2.43 -4.51 33.39
N VAL C 218 -3.67 -4.41 32.95
CA VAL C 218 -4.35 -3.13 32.75
C VAL C 218 -5.15 -2.81 34.01
N THR C 219 -5.12 -1.55 34.43
CA THR C 219 -5.83 -1.16 35.64
C THR C 219 -7.33 -1.14 35.41
N ALA C 220 -8.08 -1.34 36.49
CA ALA C 220 -9.54 -1.26 36.41
C ALA C 220 -10.00 0.14 36.02
N THR C 221 -9.28 1.16 36.46
CA THR C 221 -9.62 2.53 36.11
C THR C 221 -9.49 2.77 34.62
N ALA C 222 -8.37 2.31 34.03
CA ALA C 222 -8.18 2.48 32.60
C ALA C 222 -9.19 1.67 31.80
N PHE C 223 -9.45 0.43 32.22
CA PHE C 223 -10.44 -0.39 31.52
C PHE C 223 -11.83 0.24 31.60
N THR C 224 -12.22 0.71 32.77
CA THR C 224 -13.56 1.25 32.95
C THR C 224 -13.77 2.52 32.13
N GLU C 225 -12.72 3.29 31.89
CA GLU C 225 -12.83 4.43 30.98
C GLU C 225 -13.28 3.98 29.60
N VAL C 226 -12.61 2.98 29.03
CA VAL C 226 -13.03 2.42 27.75
C VAL C 226 -14.40 1.78 27.88
N ALA C 227 -14.62 1.06 28.98
CA ALA C 227 -15.91 0.40 29.19
C ALA C 227 -17.06 1.39 29.21
N ASN C 228 -16.86 2.55 29.85
CA ASN C 228 -17.93 3.53 29.96
C ASN C 228 -18.33 4.10 28.61
N ARG C 229 -17.39 4.22 27.67
CA ARG C 229 -17.76 4.63 26.31
C ARG C 229 -18.39 3.48 25.53
N TRP C 230 -17.98 2.25 25.82
CA TRP C 230 -18.54 1.07 25.16
C TRP C 230 -19.99 0.84 25.58
N MET C 231 -20.36 1.23 26.80
CA MET C 231 -21.71 1.00 27.28
C MET C 231 -22.75 1.79 26.51
N LYS C 232 -22.35 2.88 25.84
CA LYS C 232 -23.26 3.57 24.95
C LYS C 232 -23.69 2.67 23.80
N THR C 233 -22.75 1.90 23.24
CA THR C 233 -23.08 0.93 22.21
C THR C 233 -23.94 -0.20 22.78
N VAL C 234 -23.63 -0.65 23.99
CA VAL C 234 -24.44 -1.68 24.63
C VAL C 234 -25.88 -1.18 24.81
N GLY C 235 -26.05 0.12 25.07
CA GLY C 235 -27.39 0.66 25.18
C GLY C 235 -28.15 0.60 23.87
N VAL C 236 -27.45 0.81 22.75
CA VAL C 236 -28.10 0.73 21.45
C VAL C 236 -28.60 -0.69 21.17
N PHE C 237 -27.83 -1.69 21.60
CA PHE C 237 -28.25 -3.08 21.44
C PHE C 237 -29.58 -3.34 22.15
N MET C 238 -29.67 -2.94 23.42
CA MET C 238 -30.91 -3.11 24.17
C MET C 238 -32.07 -2.41 23.46
N ASN C 239 -31.83 -1.20 22.97
CA ASN C 239 -32.85 -0.48 22.22
C ASN C 239 -33.23 -1.21 20.93
N THR C 240 -32.27 -1.89 20.31
CA THR C 240 -32.54 -2.64 19.09
C THR C 240 -33.28 -3.94 19.36
N TYR C 241 -33.00 -4.59 20.49
CA TYR C 241 -33.53 -5.92 20.75
C TYR C 241 -34.88 -5.91 21.47
N ALA C 242 -35.24 -4.81 22.13
CA ALA C 242 -36.57 -4.72 22.74
C ALA C 242 -37.69 -4.94 21.73
N PRO C 243 -37.70 -4.32 20.54
CA PRO C 243 -38.75 -4.63 19.58
C PRO C 243 -38.77 -6.09 19.14
N HIS C 244 -37.63 -6.77 19.16
CA HIS C 244 -37.61 -8.20 18.84
C HIS C 244 -38.47 -8.98 19.81
N VAL C 245 -38.33 -8.71 21.11
CA VAL C 245 -39.10 -9.42 22.13
C VAL C 245 -40.59 -9.18 21.93
N ASP C 246 -40.97 -7.92 21.74
CA ASP C 246 -42.39 -7.59 21.64
C ASP C 246 -43.00 -8.10 20.34
N ALA C 247 -42.19 -8.25 19.28
CA ALA C 247 -42.69 -8.80 18.04
C ALA C 247 -42.65 -10.32 18.02
N GLY C 248 -41.88 -10.95 18.91
CA GLY C 248 -41.64 -12.37 18.82
C GLY C 248 -40.83 -12.77 17.61
N HIS C 249 -40.07 -11.83 17.05
CA HIS C 249 -39.31 -12.03 15.83
C HIS C 249 -37.90 -11.50 16.07
N TYR C 250 -36.90 -12.34 15.83
CA TYR C 250 -35.53 -12.11 16.28
C TYR C 250 -34.55 -12.19 15.12
N PRO C 251 -34.54 -11.20 14.23
CA PRO C 251 -33.62 -11.24 13.08
C PRO C 251 -32.16 -11.07 13.52
N GLY C 252 -31.33 -12.02 13.10
CA GLY C 252 -29.94 -12.01 13.55
C GLY C 252 -29.12 -10.89 12.96
N ASP C 253 -29.29 -10.62 11.67
CA ASP C 253 -28.56 -9.56 10.95
C ASP C 253 -27.06 -9.86 11.07
N GLU C 254 -26.24 -8.91 11.52
CA GLU C 254 -24.79 -9.05 11.49
C GLU C 254 -24.21 -9.53 12.83
N PHE C 255 -25.03 -10.17 13.66
CA PHE C 255 -24.54 -10.73 14.92
C PHE C 255 -25.50 -11.81 15.40
N THR C 256 -25.38 -13.01 14.83
CA THR C 256 -26.27 -14.11 15.15
C THR C 256 -25.85 -14.79 16.46
N LEU C 257 -26.74 -15.65 16.97
CA LEU C 257 -26.41 -16.42 18.16
C LEU C 257 -25.28 -17.41 17.89
N HIS C 258 -25.11 -17.84 16.63
CA HIS C 258 -23.94 -18.62 16.26
C HIS C 258 -22.66 -17.87 16.60
N LEU C 259 -22.59 -16.59 16.22
CA LEU C 259 -21.41 -15.80 16.52
C LEU C 259 -21.29 -15.48 18.00
N HIS C 260 -22.42 -15.28 18.70
CA HIS C 260 -22.39 -15.12 20.15
C HIS C 260 -21.76 -16.32 20.83
N HIS C 261 -22.29 -17.52 20.55
CA HIS C 261 -21.76 -18.73 21.16
C HIS C 261 -20.28 -18.90 20.83
N ARG C 262 -19.92 -18.71 19.56
CA ARG C 262 -18.53 -18.83 19.12
C ARG C 262 -17.61 -17.96 19.97
N THR C 263 -17.93 -16.67 20.07
CA THR C 263 -17.07 -15.76 20.81
C THR C 263 -17.15 -15.97 22.33
N MET C 264 -18.25 -16.53 22.83
CA MET C 264 -18.32 -16.86 24.25
C MET C 264 -17.33 -17.94 24.63
N ASN C 265 -17.09 -18.89 23.71
CA ASN C 265 -16.07 -19.91 23.97
C ASN C 265 -14.67 -19.32 23.92
N ILE C 266 -14.47 -18.25 23.15
CA ILE C 266 -13.22 -17.51 23.23
C ILE C 266 -13.09 -16.86 24.60
N LEU C 267 -14.18 -16.25 25.09
CA LEU C 267 -14.17 -15.66 26.42
C LEU C 267 -13.89 -16.71 27.50
N ALA C 268 -14.53 -17.88 27.38
CA ALA C 268 -14.29 -18.94 28.36
C ALA C 268 -12.85 -19.40 28.34
N HIS C 269 -12.28 -19.58 27.15
CA HIS C 269 -10.89 -20.04 27.03
C HIS C 269 -9.92 -19.00 27.59
N ALA C 270 -10.10 -17.74 27.20
CA ALA C 270 -9.21 -16.68 27.71
C ALA C 270 -9.34 -16.54 29.22
N SER C 271 -10.58 -16.56 29.73
CA SER C 271 -10.79 -16.43 31.17
C SER C 271 -10.12 -17.58 31.92
N GLU C 272 -10.23 -18.80 31.39
CA GLU C 272 -9.60 -19.95 32.04
C GLU C 272 -8.09 -19.80 32.08
N LEU C 273 -7.50 -19.24 31.02
CA LEU C 273 -6.05 -19.05 30.98
C LEU C 273 -5.57 -18.06 32.04
N ARG C 274 -6.39 -17.07 32.38
CA ARG C 274 -5.99 -16.02 33.29
C ARG C 274 -6.47 -16.24 34.71
N GLY C 275 -7.13 -17.35 34.99
CA GLY C 275 -7.62 -17.63 36.33
C GLY C 275 -8.88 -16.89 36.72
N VAL C 276 -9.57 -16.26 35.78
CA VAL C 276 -10.84 -15.59 36.07
C VAL C 276 -11.94 -16.64 36.10
N VAL C 277 -12.55 -16.83 37.26
CA VAL C 277 -13.56 -17.87 37.48
C VAL C 277 -14.78 -17.17 38.06
N SER C 278 -15.77 -16.86 37.20
CA SER C 278 -16.97 -16.17 37.64
C SER C 278 -18.25 -16.95 37.39
N GLY C 279 -18.19 -18.03 36.63
CA GLY C 279 -19.40 -18.72 36.22
C GLY C 279 -20.17 -18.06 35.12
N LEU C 280 -19.82 -16.82 34.75
CA LEU C 280 -20.52 -16.12 33.69
C LEU C 280 -20.34 -16.78 32.33
N PRO C 281 -19.13 -17.17 31.90
CA PRO C 281 -19.02 -17.80 30.57
C PRO C 281 -19.83 -19.09 30.45
N GLU C 282 -19.84 -19.92 31.50
CA GLU C 282 -20.59 -21.17 31.43
C GLU C 282 -22.09 -20.92 31.41
N LEU C 283 -22.55 -19.89 32.11
CA LEU C 283 -23.96 -19.50 32.01
C LEU C 283 -24.30 -19.04 30.60
N LEU C 284 -23.41 -18.25 29.99
CA LEU C 284 -23.66 -17.72 28.66
C LEU C 284 -23.62 -18.83 27.60
N THR C 285 -22.64 -19.73 27.69
CA THR C 285 -22.53 -20.78 26.70
C THR C 285 -23.65 -21.81 26.83
N GLU C 286 -24.10 -22.08 28.05
CA GLU C 286 -25.21 -23.01 28.23
C GLU C 286 -26.50 -22.44 27.63
N LEU C 287 -26.74 -21.15 27.86
CA LEU C 287 -27.96 -20.52 27.34
C LEU C 287 -27.95 -20.48 25.82
N THR C 288 -26.91 -19.90 25.23
CA THR C 288 -26.84 -19.80 23.78
C THR C 288 -26.81 -21.18 23.13
N GLY C 289 -26.14 -22.14 23.76
CA GLY C 289 -26.17 -23.50 23.24
C GLY C 289 -27.58 -24.06 23.13
N ARG C 290 -28.43 -23.78 24.13
CA ARG C 290 -29.80 -24.25 24.08
C ARG C 290 -30.53 -23.67 22.87
N ALA C 291 -30.36 -22.38 22.61
CA ALA C 291 -31.01 -21.77 21.45
C ALA C 291 -30.46 -22.32 20.14
N ILE C 292 -29.15 -22.58 20.09
CA ILE C 292 -28.56 -23.15 18.90
C ILE C 292 -28.99 -24.60 18.72
N THR C 293 -29.03 -25.37 19.81
CA THR C 293 -29.56 -26.73 19.74
C THR C 293 -31.00 -26.73 19.24
N ALA C 294 -31.81 -25.79 19.71
CA ALA C 294 -33.21 -25.71 19.31
C ALA C 294 -33.39 -25.20 17.88
N GLY C 295 -32.32 -24.77 17.22
CA GLY C 295 -32.37 -24.41 15.82
C GLY C 295 -32.42 -22.93 15.51
N HIS C 296 -32.23 -22.07 16.50
CA HIS C 296 -32.33 -20.62 16.32
C HIS C 296 -30.96 -19.96 16.32
N GLY C 297 -29.97 -20.61 15.72
CA GLY C 297 -28.62 -20.07 15.75
C GLY C 297 -28.47 -18.80 14.93
N ASN C 298 -29.30 -18.61 13.91
CA ASN C 298 -29.20 -17.41 13.09
C ASN C 298 -29.94 -16.22 13.68
N ASP C 299 -30.65 -16.40 14.80
CA ASP C 299 -31.46 -15.33 15.35
C ASP C 299 -30.60 -14.37 16.19
N SER C 300 -31.24 -13.28 16.61
CA SER C 300 -30.57 -12.29 17.45
C SER C 300 -30.54 -12.75 18.90
N TYR C 301 -29.83 -11.98 19.73
CA TYR C 301 -29.73 -12.30 21.15
C TYR C 301 -31.09 -12.33 21.83
N ALA C 302 -32.06 -11.59 21.29
CA ALA C 302 -33.37 -11.49 21.92
C ALA C 302 -34.11 -12.82 21.93
N ARG C 303 -33.78 -13.73 21.00
CA ARG C 303 -34.41 -15.05 20.99
C ARG C 303 -34.23 -15.76 22.33
N LEU C 304 -33.15 -15.48 23.04
CA LEU C 304 -32.87 -16.14 24.31
C LEU C 304 -33.89 -15.83 25.38
N VAL C 305 -34.78 -14.85 25.18
CA VAL C 305 -35.82 -14.59 26.16
C VAL C 305 -36.77 -15.77 26.25
N GLU C 306 -36.90 -16.54 25.17
CA GLU C 306 -37.76 -17.72 25.17
C GLU C 306 -37.13 -18.90 25.89
N PHE C 307 -35.85 -18.81 26.25
CA PHE C 307 -35.15 -19.87 26.96
C PHE C 307 -34.88 -19.53 28.41
N ILE C 308 -35.27 -18.33 28.85
CA ILE C 308 -35.26 -18.00 30.27
C ILE C 308 -36.64 -17.69 30.82
N ARG C 309 -37.63 -17.43 29.98
CA ARG C 309 -38.99 -17.11 30.43
C ARG C 309 -39.90 -18.31 30.25
N ALA D 23 58.79 -0.55 -49.56
CA ALA D 23 58.50 -1.98 -49.62
C ALA D 23 57.81 -2.33 -50.94
N LYS D 24 58.20 -3.46 -51.52
CA LYS D 24 57.59 -3.93 -52.75
C LYS D 24 56.26 -4.60 -52.46
N VAL D 25 55.23 -4.23 -53.23
CA VAL D 25 53.89 -4.79 -53.04
C VAL D 25 53.19 -4.84 -54.39
N THR D 26 52.51 -5.95 -54.65
CA THR D 26 51.79 -6.18 -55.90
C THR D 26 50.30 -6.25 -55.62
N VAL D 27 49.51 -5.52 -56.41
CA VAL D 27 48.06 -5.55 -56.33
C VAL D 27 47.53 -6.28 -57.55
N LEU D 28 46.75 -7.33 -57.32
CA LEU D 28 46.07 -8.06 -58.38
C LEU D 28 44.60 -7.64 -58.37
N GLY D 29 44.18 -6.97 -59.45
CA GLY D 29 42.83 -6.47 -59.53
C GLY D 29 42.76 -4.97 -59.34
N LEU D 30 42.45 -4.24 -60.42
CA LEU D 30 42.40 -2.78 -60.38
C LEU D 30 40.99 -2.27 -60.64
N GLY D 31 40.00 -2.94 -60.07
CA GLY D 31 38.64 -2.44 -60.09
C GLY D 31 38.52 -1.21 -59.21
N PRO D 32 37.28 -0.74 -59.00
CA PRO D 32 37.06 0.39 -58.10
C PRO D 32 37.82 0.27 -56.80
N MET D 33 37.59 -0.81 -56.06
CA MET D 33 38.31 -1.03 -54.81
C MET D 33 39.78 -1.34 -55.07
N GLY D 34 40.06 -2.15 -56.08
CA GLY D 34 41.44 -2.52 -56.36
C GLY D 34 42.31 -1.33 -56.70
N ALA D 35 41.82 -0.45 -57.57
CA ALA D 35 42.57 0.76 -57.90
C ALA D 35 42.76 1.66 -56.68
N ALA D 36 41.82 1.63 -55.74
CA ALA D 36 41.98 2.41 -54.51
C ALA D 36 43.09 1.85 -53.64
N LEU D 37 43.21 0.52 -53.59
CA LEU D 37 44.28 -0.10 -52.80
C LEU D 37 45.64 0.20 -53.41
N ALA D 38 45.76 0.10 -54.73
CA ALA D 38 47.04 0.39 -55.39
C ALA D 38 47.47 1.83 -55.15
N GLY D 39 46.53 2.77 -55.18
CA GLY D 39 46.87 4.15 -54.93
C GLY D 39 47.31 4.40 -53.50
N ALA D 40 46.73 3.67 -52.54
CA ALA D 40 47.14 3.82 -51.15
C ALA D 40 48.58 3.39 -50.93
N PHE D 41 48.99 2.29 -51.59
CA PHE D 41 50.38 1.85 -51.50
C PHE D 41 51.33 2.88 -52.12
N LEU D 42 50.98 3.40 -53.30
CA LEU D 42 51.82 4.41 -53.94
C LEU D 42 51.90 5.68 -53.10
N ALA D 43 50.77 6.11 -52.54
CA ALA D 43 50.77 7.32 -51.71
C ALA D 43 51.65 7.14 -50.47
N ALA D 44 51.83 5.91 -50.01
CA ALA D 44 52.57 5.63 -48.78
C ALA D 44 54.04 5.31 -49.03
N GLY D 45 54.52 5.48 -50.25
CA GLY D 45 55.93 5.28 -50.54
C GLY D 45 56.37 3.86 -50.79
N HIS D 46 55.47 3.00 -51.24
CA HIS D 46 55.79 1.61 -51.57
C HIS D 46 56.03 1.46 -53.06
N ARG D 47 56.98 0.61 -53.41
CA ARG D 47 57.17 0.22 -54.80
C ARG D 47 56.04 -0.71 -55.21
N THR D 48 55.14 -0.24 -56.07
CA THR D 48 53.87 -0.89 -56.33
C THR D 48 53.82 -1.40 -57.77
N THR D 49 53.52 -2.69 -57.91
CA THR D 49 53.24 -3.30 -59.20
C THR D 49 51.78 -3.72 -59.24
N VAL D 50 51.12 -3.49 -60.38
CA VAL D 50 49.68 -3.70 -60.46
C VAL D 50 49.37 -4.56 -61.68
N TRP D 51 48.21 -5.21 -61.62
CA TRP D 51 47.67 -5.98 -62.73
C TRP D 51 46.15 -6.02 -62.60
N ASN D 52 45.46 -5.97 -63.73
CA ASN D 52 44.01 -5.98 -63.75
C ASN D 52 43.51 -7.01 -64.75
N ARG D 53 42.43 -7.71 -64.38
CA ARG D 53 41.82 -8.67 -65.29
C ARG D 53 41.34 -8.00 -66.59
N THR D 54 41.01 -6.71 -66.52
CA THR D 54 40.57 -5.98 -67.70
C THR D 54 41.72 -5.18 -68.31
N GLY D 65 52.22 6.35 -60.68
CA GLY D 65 53.56 5.81 -60.46
C GLY D 65 53.61 4.30 -60.40
N ALA D 66 52.43 3.67 -60.49
CA ALA D 66 52.35 2.23 -60.45
C ALA D 66 52.99 1.62 -61.69
N THR D 67 53.66 0.49 -61.50
CA THR D 67 54.22 -0.28 -62.61
C THR D 67 53.22 -1.36 -62.97
N GLU D 68 52.50 -1.17 -64.08
CA GLU D 68 51.53 -2.16 -64.53
C GLU D 68 52.20 -3.18 -65.43
N VAL D 69 51.92 -4.46 -65.19
CA VAL D 69 52.40 -5.54 -66.04
C VAL D 69 51.21 -6.12 -66.79
N ALA D 70 51.51 -6.83 -67.87
CA ALA D 70 50.47 -7.39 -68.72
C ALA D 70 49.97 -8.75 -68.26
N SER D 71 50.69 -9.43 -67.36
CA SER D 71 50.31 -10.75 -66.91
C SER D 71 50.39 -10.83 -65.39
N ALA D 72 49.52 -11.65 -64.81
CA ALA D 72 49.57 -11.87 -63.37
C ALA D 72 50.85 -12.58 -62.95
N ALA D 73 51.43 -13.37 -63.86
CA ALA D 73 52.69 -14.03 -63.56
C ALA D 73 53.79 -13.02 -63.28
N GLU D 74 53.87 -11.96 -64.10
CA GLU D 74 54.86 -10.92 -63.85
C GLU D 74 54.59 -10.20 -62.55
N ALA D 75 53.32 -9.88 -62.28
CA ALA D 75 52.96 -9.14 -61.08
C ALA D 75 53.37 -9.90 -59.83
N VAL D 76 53.08 -11.20 -59.79
CA VAL D 76 53.41 -12.00 -58.62
C VAL D 76 54.92 -12.06 -58.43
N ALA D 77 55.68 -12.17 -59.52
CA ALA D 77 57.13 -12.26 -59.44
C ALA D 77 57.78 -10.98 -58.94
N ALA D 78 57.11 -9.84 -59.11
CA ALA D 78 57.72 -8.55 -58.79
C ALA D 78 57.77 -8.23 -57.30
N SER D 79 57.03 -8.95 -56.46
CA SER D 79 56.91 -8.57 -55.07
C SER D 79 56.74 -9.81 -54.21
N PRO D 80 57.29 -9.81 -52.98
CA PRO D 80 56.99 -10.89 -52.04
C PRO D 80 55.63 -10.75 -51.37
N LEU D 81 55.04 -9.55 -51.38
CA LEU D 81 53.69 -9.32 -50.88
C LEU D 81 52.77 -9.08 -52.07
N VAL D 82 51.78 -9.95 -52.23
CA VAL D 82 50.82 -9.88 -53.33
C VAL D 82 49.43 -9.74 -52.73
N VAL D 83 48.79 -8.59 -52.95
CA VAL D 83 47.45 -8.31 -52.45
C VAL D 83 46.46 -8.59 -53.56
N VAL D 84 45.38 -9.29 -53.24
CA VAL D 84 44.39 -9.74 -54.21
C VAL D 84 43.03 -9.16 -53.84
N CYS D 85 42.43 -8.44 -54.77
CA CYS D 85 41.03 -7.98 -54.66
C CYS D 85 40.37 -8.24 -56.01
N LEU D 86 39.77 -9.42 -56.14
CA LEU D 86 39.04 -9.81 -57.33
C LEU D 86 37.56 -9.93 -57.00
N ALA D 87 36.76 -10.14 -58.05
CA ALA D 87 35.30 -10.08 -57.89
C ALA D 87 34.79 -11.26 -57.07
N THR D 88 35.33 -12.46 -57.32
CA THR D 88 34.86 -13.66 -56.64
C THR D 88 36.08 -14.47 -56.22
N TYR D 89 35.84 -15.44 -55.33
CA TYR D 89 36.89 -16.40 -55.03
C TYR D 89 37.14 -17.37 -56.18
N GLU D 90 36.18 -17.51 -57.09
CA GLU D 90 36.42 -18.26 -58.32
C GLU D 90 37.46 -17.55 -59.19
N ALA D 91 37.30 -16.24 -59.37
CA ALA D 91 38.29 -15.46 -60.11
C ALA D 91 39.67 -15.57 -59.47
N VAL D 92 39.73 -15.59 -58.13
CA VAL D 92 40.99 -15.72 -57.43
C VAL D 92 41.69 -17.02 -57.82
N HIS D 93 40.94 -18.13 -57.85
CA HIS D 93 41.57 -19.40 -58.17
C HIS D 93 41.91 -19.50 -59.65
N GLU D 94 41.11 -18.88 -60.53
CA GLU D 94 41.41 -18.92 -61.95
C GLU D 94 42.69 -18.14 -62.26
N VAL D 95 43.00 -17.12 -61.48
CA VAL D 95 44.22 -16.34 -61.69
C VAL D 95 45.41 -16.96 -60.96
N LEU D 96 45.18 -17.51 -59.77
CA LEU D 96 46.28 -17.95 -58.92
C LEU D 96 46.68 -19.41 -59.12
N ASP D 97 45.74 -20.28 -59.48
CA ASP D 97 46.08 -21.69 -59.62
C ASP D 97 47.19 -21.94 -60.64
N PRO D 98 47.23 -21.29 -61.82
CA PRO D 98 48.39 -21.47 -62.70
C PRO D 98 49.69 -20.95 -62.11
N LEU D 99 49.62 -20.08 -61.10
CA LEU D 99 50.81 -19.53 -60.46
C LEU D 99 51.19 -20.28 -59.18
N ALA D 100 50.77 -21.54 -59.06
CA ALA D 100 50.99 -22.28 -57.81
C ALA D 100 52.47 -22.39 -57.48
N ASP D 101 53.32 -22.58 -58.48
CA ASP D 101 54.75 -22.71 -58.21
C ASP D 101 55.42 -21.36 -57.97
N GLU D 102 54.94 -20.29 -58.62
CA GLU D 102 55.55 -18.99 -58.45
C GLU D 102 55.26 -18.36 -57.09
N LEU D 103 54.34 -18.91 -56.32
CA LEU D 103 53.89 -18.30 -55.08
C LEU D 103 54.65 -18.80 -53.86
N ALA D 104 55.48 -19.83 -54.00
CA ALA D 104 56.25 -20.32 -52.88
C ALA D 104 57.18 -19.24 -52.37
N GLY D 105 57.21 -19.06 -51.06
CA GLY D 105 58.04 -18.03 -50.46
C GLY D 105 57.44 -16.65 -50.45
N ARG D 106 56.22 -16.49 -50.96
CA ARG D 106 55.55 -15.19 -50.99
C ARG D 106 54.41 -15.17 -49.98
N THR D 107 53.84 -13.98 -49.80
CA THR D 107 52.72 -13.78 -48.91
C THR D 107 51.52 -13.32 -49.72
N VAL D 108 50.37 -13.95 -49.50
CA VAL D 108 49.15 -13.65 -50.24
C VAL D 108 48.12 -13.08 -49.27
N VAL D 109 47.72 -11.83 -49.50
CA VAL D 109 46.70 -11.15 -48.72
C VAL D 109 45.48 -11.01 -49.61
N ASN D 110 44.44 -11.80 -49.34
CA ASN D 110 43.28 -11.90 -50.22
C ASN D 110 42.12 -11.11 -49.60
N LEU D 111 41.89 -9.91 -50.11
CA LEU D 111 40.81 -9.05 -49.66
C LEU D 111 39.51 -9.27 -50.43
N THR D 112 39.47 -10.26 -51.32
CA THR D 112 38.25 -10.60 -52.03
C THR D 112 37.14 -10.96 -51.05
N SER D 113 35.92 -10.50 -51.34
CA SER D 113 34.77 -10.84 -50.53
C SER D 113 34.24 -12.23 -50.91
N GLY D 114 33.93 -13.03 -49.91
CA GLY D 114 33.46 -14.37 -50.18
C GLY D 114 33.06 -15.09 -48.91
N SER D 115 32.79 -16.38 -49.06
CA SER D 115 32.29 -17.23 -48.00
C SER D 115 33.41 -17.67 -47.07
N PRO D 116 33.08 -18.08 -45.85
CA PRO D 116 34.11 -18.64 -44.96
C PRO D 116 34.78 -19.88 -45.52
N VAL D 117 34.03 -20.75 -46.21
CA VAL D 117 34.61 -21.99 -46.73
C VAL D 117 35.61 -21.69 -47.85
N HIS D 118 35.31 -20.71 -48.70
CA HIS D 118 36.23 -20.37 -49.78
C HIS D 118 37.52 -19.77 -49.23
N ALA D 119 37.44 -18.97 -48.17
CA ALA D 119 38.65 -18.46 -47.54
C ALA D 119 39.48 -19.59 -46.97
N ARG D 120 38.84 -20.60 -46.37
CA ARG D 120 39.58 -21.73 -45.82
C ARG D 120 40.20 -22.58 -46.92
N GLU D 121 39.47 -22.81 -48.01
CA GLU D 121 40.00 -23.60 -49.11
C GLU D 121 41.22 -22.92 -49.73
N THR D 122 41.11 -21.61 -49.98
CA THR D 122 42.25 -20.88 -50.53
C THR D 122 43.42 -20.87 -49.55
N ALA D 123 43.15 -20.85 -48.25
CA ALA D 123 44.20 -20.93 -47.25
C ALA D 123 44.92 -22.27 -47.32
N ASN D 124 44.15 -23.36 -47.43
CA ASN D 124 44.77 -24.69 -47.52
C ASN D 124 45.57 -24.83 -48.80
N TRP D 125 45.03 -24.35 -49.93
CA TRP D 125 45.74 -24.41 -51.19
C TRP D 125 47.04 -23.62 -51.13
N ALA D 126 46.99 -22.41 -50.57
CA ALA D 126 48.19 -21.60 -50.42
C ALA D 126 49.22 -22.29 -49.54
N GLN D 127 48.76 -22.90 -48.45
CA GLN D 127 49.66 -23.69 -47.60
C GLN D 127 50.29 -24.85 -48.38
N GLN D 128 49.51 -25.46 -49.29
CA GLN D 128 50.02 -26.57 -50.09
C GLN D 128 51.21 -26.16 -50.94
N HIS D 129 51.14 -24.97 -51.54
CA HIS D 129 52.15 -24.52 -52.50
C HIS D 129 53.14 -23.55 -51.89
N GLY D 130 53.17 -23.43 -50.55
CA GLY D 130 54.24 -22.73 -49.88
C GLY D 130 54.08 -21.24 -49.73
N ALA D 131 52.86 -20.72 -49.80
CA ALA D 131 52.61 -19.30 -49.65
C ALA D 131 51.99 -19.00 -48.29
N GLU D 132 52.38 -17.87 -47.71
CA GLU D 132 51.76 -17.39 -46.47
C GLU D 132 50.46 -16.68 -46.83
N TYR D 133 49.35 -17.15 -46.26
CA TYR D 133 48.02 -16.71 -46.66
C TYR D 133 47.37 -15.92 -45.55
N LEU D 134 46.97 -14.69 -45.86
CA LEU D 134 46.15 -13.86 -44.99
C LEU D 134 44.87 -13.53 -45.76
N ASP D 135 43.73 -13.88 -45.18
CA ASP D 135 42.44 -13.55 -45.74
C ASP D 135 41.89 -12.33 -45.03
N GLY D 136 41.42 -11.35 -45.80
CA GLY D 136 41.00 -10.08 -45.25
C GLY D 136 39.67 -9.61 -45.79
N VAL D 137 39.09 -8.63 -45.08
CA VAL D 137 37.88 -7.96 -45.51
C VAL D 137 38.05 -6.47 -45.28
N ILE D 138 37.55 -5.68 -46.23
CA ILE D 138 37.59 -4.22 -46.13
C ILE D 138 36.27 -3.74 -45.56
N MET D 139 36.33 -3.02 -44.46
CA MET D 139 35.11 -2.52 -43.79
C MET D 139 34.83 -1.07 -44.18
N THR D 140 34.95 -0.78 -45.46
CA THR D 140 34.64 0.53 -46.02
C THR D 140 34.57 0.38 -47.53
N THR D 141 34.17 1.46 -48.19
CA THR D 141 34.06 1.51 -49.64
C THR D 141 35.41 1.89 -50.24
N PRO D 142 35.54 1.85 -51.57
CA PRO D 142 36.82 2.26 -52.19
C PRO D 142 37.30 3.64 -51.75
N SER D 143 36.39 4.59 -51.53
CA SER D 143 36.76 5.93 -51.11
C SER D 143 37.24 6.00 -49.67
N GLY D 144 37.05 4.94 -48.89
CA GLY D 144 37.60 4.90 -47.54
C GLY D 144 39.03 4.41 -47.43
N ILE D 145 39.56 3.81 -48.51
CA ILE D 145 40.92 3.30 -48.49
C ILE D 145 41.92 4.45 -48.43
N GLY D 146 43.02 4.24 -47.71
CA GLY D 146 43.98 5.27 -47.46
C GLY D 146 43.74 6.06 -46.18
N LYS D 147 42.51 6.08 -45.69
CA LYS D 147 42.18 6.81 -44.47
C LYS D 147 42.39 5.90 -43.27
N PRO D 148 43.21 6.28 -42.29
CA PRO D 148 43.49 5.38 -41.16
C PRO D 148 42.32 5.19 -40.21
N ASP D 149 41.19 5.84 -40.44
CA ASP D 149 40.03 5.70 -39.57
C ASP D 149 39.15 4.51 -39.91
N TYR D 150 39.33 3.92 -41.08
CA TYR D 150 38.52 2.78 -41.51
C TYR D 150 39.28 1.48 -41.29
N LEU D 151 38.54 0.43 -40.95
CA LEU D 151 39.11 -0.83 -40.52
C LEU D 151 39.23 -1.80 -41.69
N LEU D 152 40.33 -2.54 -41.70
CA LEU D 152 40.49 -3.73 -42.52
C LEU D 152 40.82 -4.89 -41.59
N LEU D 153 40.10 -5.99 -41.75
CA LEU D 153 40.19 -7.12 -40.82
C LEU D 153 40.82 -8.31 -41.52
N TYR D 154 41.86 -8.87 -40.90
CA TYR D 154 42.65 -9.95 -41.47
C TYR D 154 42.61 -11.16 -40.56
N SER D 155 42.72 -12.35 -41.15
CA SER D 155 42.74 -13.59 -40.39
C SER D 155 43.52 -14.64 -41.17
N GLY D 156 44.35 -15.39 -40.45
CA GLY D 156 45.21 -16.37 -41.08
C GLY D 156 46.62 -16.35 -40.52
N SER D 157 47.60 -16.38 -41.40
CA SER D 157 49.00 -16.47 -41.00
C SER D 157 49.40 -15.29 -40.13
N GLN D 158 49.92 -15.58 -38.93
CA GLN D 158 50.35 -14.51 -38.05
C GLN D 158 51.69 -13.92 -38.47
N ALA D 159 52.59 -14.75 -39.00
CA ALA D 159 53.83 -14.23 -39.55
C ALA D 159 53.56 -13.28 -40.71
N ALA D 160 52.51 -13.55 -41.48
CA ALA D 160 52.14 -12.67 -42.58
C ALA D 160 51.64 -11.33 -42.07
N PHE D 161 50.72 -11.36 -41.09
CA PHE D 161 50.18 -10.12 -40.56
C PHE D 161 51.26 -9.26 -39.91
N ASP D 162 52.04 -9.85 -39.01
CA ASP D 162 53.10 -9.09 -38.35
C ASP D 162 54.12 -8.57 -39.34
N GLY D 163 54.54 -9.41 -40.30
CA GLY D 163 55.52 -8.98 -41.26
C GLY D 163 55.02 -7.92 -42.22
N SER D 164 53.72 -7.91 -42.50
CA SER D 164 53.15 -7.02 -43.51
C SER D 164 52.40 -5.84 -42.92
N ARG D 165 52.25 -5.75 -41.59
CA ARG D 165 51.34 -4.79 -40.99
C ARG D 165 51.65 -3.36 -41.39
N GLY D 166 52.94 -2.99 -41.40
CA GLY D 166 53.32 -1.64 -41.76
C GLY D 166 52.88 -1.26 -43.16
N THR D 167 52.95 -2.23 -44.09
CA THR D 167 52.50 -1.95 -45.45
C THR D 167 50.98 -1.91 -45.53
N LEU D 168 50.30 -2.84 -44.84
CA LEU D 168 48.85 -2.86 -44.84
C LEU D 168 48.24 -1.61 -44.21
N CYS D 169 49.00 -0.89 -43.38
CA CYS D 169 48.51 0.34 -42.77
C CYS D 169 48.18 1.42 -43.80
N ALA D 170 48.80 1.35 -44.99
CA ALA D 170 48.49 2.32 -46.04
C ALA D 170 47.01 2.29 -46.42
N LEU D 171 46.37 1.13 -46.32
CA LEU D 171 44.98 0.99 -46.73
C LEU D 171 44.00 1.42 -45.65
N GLY D 172 44.45 1.49 -44.39
CA GLY D 172 43.55 1.74 -43.28
C GLY D 172 43.99 0.94 -42.07
N GLU D 173 43.24 1.04 -40.98
CA GLU D 173 43.63 0.43 -39.72
C GLU D 173 43.56 -1.09 -39.80
N PRO D 174 44.69 -1.80 -39.66
CA PRO D 174 44.65 -3.27 -39.73
C PRO D 174 44.39 -3.92 -38.38
N MET D 175 43.49 -4.89 -38.35
CA MET D 175 43.22 -5.67 -37.15
C MET D 175 43.43 -7.15 -37.45
N ASN D 176 44.09 -7.84 -36.53
CA ASN D 176 44.39 -9.26 -36.65
C ASN D 176 43.32 -10.04 -35.88
N LEU D 177 42.44 -10.71 -36.62
CA LEU D 177 41.35 -11.45 -36.00
C LEU D 177 41.82 -12.77 -35.39
N GLY D 178 42.89 -13.34 -35.89
CA GLY D 178 43.38 -14.61 -35.38
C GLY D 178 43.93 -15.45 -36.52
N THR D 179 44.11 -16.74 -36.22
CA THR D 179 44.87 -17.64 -37.07
C THR D 179 44.02 -18.35 -38.14
N ASP D 180 42.71 -18.42 -37.95
CA ASP D 180 41.82 -19.11 -38.87
C ASP D 180 41.44 -18.17 -40.01
N ALA D 181 41.83 -18.53 -41.24
CA ALA D 181 41.65 -17.62 -42.38
C ALA D 181 40.18 -17.30 -42.61
N ALA D 182 39.27 -18.22 -42.28
CA ALA D 182 37.86 -18.02 -42.55
C ALA D 182 37.18 -17.05 -41.59
N MET D 183 37.90 -16.51 -40.60
CA MET D 183 37.28 -15.62 -39.62
C MET D 183 36.84 -14.30 -40.25
N ALA D 184 37.64 -13.75 -41.17
CA ALA D 184 37.33 -12.43 -41.73
C ALA D 184 35.98 -12.44 -42.44
N SER D 185 35.65 -13.53 -43.13
CA SER D 185 34.36 -13.61 -43.80
C SER D 185 33.22 -13.59 -42.79
N VAL D 186 33.33 -14.39 -41.73
CA VAL D 186 32.27 -14.45 -40.73
C VAL D 186 32.12 -13.12 -40.00
N TYR D 187 33.26 -12.49 -39.66
CA TYR D 187 33.23 -11.21 -38.96
C TYR D 187 32.48 -10.15 -39.76
N ASP D 188 32.80 -10.04 -41.05
CA ASP D 188 32.15 -9.04 -41.91
C ASP D 188 30.63 -9.20 -41.88
N THR D 189 30.15 -10.44 -42.03
CA THR D 189 28.71 -10.68 -42.00
C THR D 189 28.13 -10.33 -40.63
N ALA D 190 28.81 -10.73 -39.55
CA ALA D 190 28.32 -10.43 -38.21
C ALA D 190 28.37 -8.93 -37.91
N LEU D 191 29.37 -8.23 -38.46
CA LEU D 191 29.47 -6.80 -38.20
C LEU D 191 28.49 -6.00 -39.06
N LEU D 192 28.14 -6.51 -40.25
CA LEU D 192 27.09 -5.87 -41.03
C LEU D 192 25.74 -5.99 -40.35
N GLY D 193 25.42 -7.17 -39.81
CA GLY D 193 24.18 -7.34 -39.07
C GLY D 193 24.08 -6.41 -37.86
N LEU D 194 25.19 -6.22 -37.16
CA LEU D 194 25.22 -5.25 -36.08
C LEU D 194 24.98 -3.83 -36.59
N MET D 195 25.59 -3.49 -37.74
CA MET D 195 25.40 -2.17 -38.33
C MET D 195 23.94 -1.96 -38.73
N TRP D 196 23.35 -2.93 -39.42
CA TRP D 196 21.95 -2.80 -39.83
C TRP D 196 21.02 -2.75 -38.63
N GLY D 197 21.34 -3.49 -37.57
CA GLY D 197 20.55 -3.41 -36.35
C GLY D 197 20.61 -2.02 -35.75
N THR D 198 21.81 -1.43 -35.69
CA THR D 198 21.97 -0.07 -35.22
C THR D 198 21.18 0.91 -36.11
N LEU D 199 21.37 0.81 -37.43
CA LEU D 199 20.75 1.77 -38.34
C LEU D 199 19.24 1.64 -38.38
N THR D 200 18.71 0.44 -38.12
CA THR D 200 17.26 0.27 -38.11
C THR D 200 16.64 0.85 -36.84
N GLY D 201 17.30 0.66 -35.69
CA GLY D 201 16.85 1.34 -34.48
C GLY D 201 16.98 2.84 -34.60
N TRP D 202 18.03 3.31 -35.27
CA TRP D 202 18.22 4.74 -35.49
C TRP D 202 17.12 5.32 -36.36
N LEU D 203 16.86 4.69 -37.51
CA LEU D 203 15.78 5.15 -38.38
C LEU D 203 14.43 5.12 -37.67
N HIS D 204 14.20 4.12 -36.83
CA HIS D 204 12.95 4.06 -36.07
C HIS D 204 12.85 5.25 -35.12
N GLY D 205 13.93 5.53 -34.39
CA GLY D 205 13.90 6.68 -33.48
C GLY D 205 13.81 8.00 -34.20
N VAL D 206 14.43 8.10 -35.38
CA VAL D 206 14.34 9.32 -36.18
C VAL D 206 12.88 9.60 -36.54
N ALA D 207 12.18 8.59 -37.06
CA ALA D 207 10.76 8.77 -37.36
C ALA D 207 9.95 9.05 -36.11
N LEU D 208 10.30 8.40 -35.01
CA LEU D 208 9.65 8.65 -33.74
C LEU D 208 9.82 10.11 -33.33
N MET D 209 11.04 10.63 -33.43
CA MET D 209 11.30 12.02 -33.07
C MET D 209 10.69 13.00 -34.06
N GLY D 210 10.58 12.61 -35.32
CA GLY D 210 10.07 13.52 -36.34
C GLY D 210 8.56 13.60 -36.39
N ALA D 211 7.86 12.62 -35.85
CA ALA D 211 6.41 12.59 -35.91
C ALA D 211 5.81 13.74 -35.11
N ASP D 212 4.65 14.22 -35.55
CA ASP D 212 3.94 15.26 -34.83
C ASP D 212 3.53 14.77 -33.44
N GLY D 213 3.45 15.70 -32.51
CA GLY D 213 3.07 15.37 -31.15
C GLY D 213 3.89 16.12 -30.13
N PRO D 214 3.53 16.00 -28.86
CA PRO D 214 4.27 16.71 -27.81
C PRO D 214 5.69 16.17 -27.71
N GLY D 215 6.67 17.07 -27.80
CA GLY D 215 8.06 16.65 -27.81
C GLY D 215 8.52 16.07 -29.12
N GLY D 216 7.74 16.21 -30.18
CA GLY D 216 8.09 15.71 -31.48
C GLY D 216 8.56 16.82 -32.42
N ASN D 217 8.48 16.53 -33.72
CA ASN D 217 8.92 17.46 -34.76
C ASN D 217 10.38 17.86 -34.56
N VAL D 218 11.19 16.90 -34.12
CA VAL D 218 12.63 17.08 -33.96
C VAL D 218 13.32 16.53 -35.20
N THR D 219 14.32 17.26 -35.68
CA THR D 219 15.02 16.85 -36.89
C THR D 219 15.94 15.67 -36.60
N ALA D 220 16.22 14.90 -37.65
CA ALA D 220 17.09 13.74 -37.52
C ALA D 220 18.50 14.14 -37.09
N THR D 221 18.97 15.31 -37.54
CA THR D 221 20.29 15.79 -37.13
C THR D 221 20.31 16.09 -35.64
N ALA D 222 19.25 16.70 -35.11
CA ALA D 222 19.18 16.98 -33.68
C ALA D 222 19.15 15.69 -32.87
N PHE D 223 18.31 14.74 -33.27
CA PHE D 223 18.26 13.47 -32.58
C PHE D 223 19.59 12.74 -32.66
N THR D 224 20.22 12.75 -33.83
CA THR D 224 21.47 12.03 -34.01
C THR D 224 22.60 12.64 -33.19
N GLU D 225 22.55 13.95 -32.96
CA GLU D 225 23.51 14.58 -32.05
C GLU D 225 23.48 13.92 -30.68
N VAL D 226 22.27 13.65 -30.16
CA VAL D 226 22.12 12.97 -28.89
C VAL D 226 22.37 11.48 -29.05
N ALA D 227 21.91 10.90 -30.16
CA ALA D 227 22.05 9.47 -30.39
C ALA D 227 23.50 9.02 -30.35
N ASN D 228 24.39 9.81 -30.97
CA ASN D 228 25.80 9.40 -31.03
C ASN D 228 26.48 9.51 -29.67
N ARG D 229 26.07 10.46 -28.84
CA ARG D 229 26.52 10.46 -27.45
C ARG D 229 26.00 9.24 -26.70
N TRP D 230 24.72 8.90 -26.93
CA TRP D 230 24.10 7.75 -26.30
C TRP D 230 24.77 6.44 -26.70
N MET D 231 25.32 6.37 -27.92
CA MET D 231 25.96 5.15 -28.38
C MET D 231 27.15 4.76 -27.52
N LYS D 232 27.74 5.70 -26.77
CA LYS D 232 28.80 5.34 -25.84
C LYS D 232 28.27 4.43 -24.75
N THR D 233 27.06 4.71 -24.24
CA THR D 233 26.45 3.86 -23.23
C THR D 233 25.99 2.53 -23.82
N VAL D 234 25.53 2.52 -25.07
CA VAL D 234 25.16 1.26 -25.72
C VAL D 234 26.38 0.39 -25.91
N GLY D 235 27.54 0.99 -26.21
CA GLY D 235 28.77 0.23 -26.28
C GLY D 235 29.17 -0.38 -24.95
N VAL D 236 28.90 0.35 -23.86
CA VAL D 236 29.15 -0.20 -22.53
C VAL D 236 28.26 -1.41 -22.28
N PHE D 237 27.01 -1.35 -22.72
CA PHE D 237 26.10 -2.50 -22.60
C PHE D 237 26.67 -3.72 -23.31
N MET D 238 27.13 -3.55 -24.55
CA MET D 238 27.70 -4.68 -25.29
C MET D 238 28.94 -5.22 -24.60
N ASN D 239 29.80 -4.34 -24.11
CA ASN D 239 30.97 -4.78 -23.36
C ASN D 239 30.59 -5.46 -22.05
N THR D 240 29.50 -5.02 -21.42
CA THR D 240 29.04 -5.65 -20.20
C THR D 240 28.41 -7.02 -20.45
N TYR D 241 27.74 -7.18 -21.59
CA TYR D 241 26.94 -8.38 -21.85
C TYR D 241 27.72 -9.51 -22.51
N ALA D 242 28.86 -9.22 -23.14
CA ALA D 242 29.62 -10.29 -23.79
C ALA D 242 30.12 -11.34 -22.80
N PRO D 243 30.70 -10.98 -21.64
CA PRO D 243 31.02 -12.03 -20.66
C PRO D 243 29.81 -12.78 -20.16
N HIS D 244 28.63 -12.16 -20.13
CA HIS D 244 27.41 -12.89 -19.80
C HIS D 244 27.21 -14.06 -20.77
N VAL D 245 27.36 -13.80 -22.07
CA VAL D 245 27.16 -14.84 -23.08
C VAL D 245 28.19 -15.95 -22.91
N ASP D 246 29.45 -15.57 -22.70
CA ASP D 246 30.52 -16.56 -22.64
C ASP D 246 30.40 -17.45 -21.41
N ALA D 247 29.94 -16.89 -20.30
CA ALA D 247 29.82 -17.66 -19.06
C ALA D 247 28.52 -18.44 -18.95
N GLY D 248 27.54 -18.18 -19.82
CA GLY D 248 26.23 -18.79 -19.64
C GLY D 248 25.54 -18.35 -18.37
N HIS D 249 25.87 -17.16 -17.87
CA HIS D 249 25.32 -16.63 -16.64
C HIS D 249 24.99 -15.16 -16.86
N TYR D 250 23.71 -14.80 -16.74
CA TYR D 250 23.19 -13.53 -17.20
C TYR D 250 22.53 -12.76 -16.06
N PRO D 251 23.32 -12.16 -15.17
CA PRO D 251 22.74 -11.40 -14.05
C PRO D 251 22.00 -10.16 -14.55
N GLY D 252 20.73 -10.04 -14.15
CA GLY D 252 19.91 -8.94 -14.64
C GLY D 252 20.30 -7.61 -14.04
N ASP D 253 20.67 -7.60 -12.76
CA ASP D 253 21.13 -6.41 -12.04
C ASP D 253 20.03 -5.35 -12.11
N GLU D 254 20.28 -4.18 -12.68
CA GLU D 254 19.31 -3.09 -12.66
C GLU D 254 18.47 -2.99 -13.92
N PHE D 255 18.77 -3.80 -14.96
CA PHE D 255 18.03 -3.76 -16.22
C PHE D 255 17.67 -5.19 -16.59
N THR D 256 16.68 -5.74 -15.91
CA THR D 256 16.24 -7.10 -16.15
C THR D 256 15.42 -7.18 -17.44
N LEU D 257 15.19 -8.40 -17.91
CA LEU D 257 14.36 -8.60 -19.09
C LEU D 257 12.91 -8.20 -18.83
N HIS D 258 12.47 -8.27 -17.57
CA HIS D 258 11.19 -7.69 -17.20
C HIS D 258 11.10 -6.23 -17.62
N LEU D 259 12.12 -5.45 -17.27
CA LEU D 259 12.09 -4.02 -17.56
C LEU D 259 12.26 -3.74 -19.05
N HIS D 260 13.11 -4.51 -19.73
CA HIS D 260 13.20 -4.42 -21.19
C HIS D 260 11.81 -4.59 -21.81
N HIS D 261 11.15 -5.70 -21.49
CA HIS D 261 9.82 -5.97 -22.02
C HIS D 261 8.83 -4.88 -21.64
N ARG D 262 8.92 -4.38 -20.41
CA ARG D 262 8.08 -3.28 -19.95
C ARG D 262 8.21 -2.07 -20.86
N THR D 263 9.43 -1.61 -21.09
CA THR D 263 9.66 -0.41 -21.87
C THR D 263 9.50 -0.65 -23.37
N MET D 264 9.70 -1.89 -23.83
CA MET D 264 9.44 -2.20 -25.23
C MET D 264 7.97 -2.04 -25.57
N ASN D 265 7.09 -2.37 -24.63
CA ASN D 265 5.66 -2.18 -24.84
C ASN D 265 5.29 -0.70 -24.88
N ILE D 266 6.06 0.15 -24.20
CA ILE D 266 5.85 1.59 -24.31
C ILE D 266 6.32 2.09 -25.67
N LEU D 267 7.46 1.58 -26.15
CA LEU D 267 7.92 1.94 -27.49
C LEU D 267 6.90 1.55 -28.55
N ALA D 268 6.32 0.35 -28.43
CA ALA D 268 5.32 -0.09 -29.39
C ALA D 268 4.07 0.79 -29.33
N HIS D 269 3.67 1.18 -28.13
CA HIS D 269 2.53 2.08 -27.98
C HIS D 269 2.83 3.45 -28.59
N ALA D 270 3.99 4.02 -28.26
CA ALA D 270 4.35 5.33 -28.80
C ALA D 270 4.47 5.27 -30.32
N SER D 271 5.07 4.21 -30.86
CA SER D 271 5.25 4.09 -32.29
C SER D 271 3.91 3.98 -33.02
N GLU D 272 2.96 3.25 -32.44
CA GLU D 272 1.64 3.16 -33.05
C GLU D 272 0.91 4.49 -33.01
N LEU D 273 1.09 5.25 -31.93
CA LEU D 273 0.47 6.58 -31.83
C LEU D 273 1.08 7.55 -32.84
N ARG D 274 2.41 7.51 -33.00
CA ARG D 274 3.12 8.46 -33.84
C ARG D 274 3.27 7.97 -35.28
N GLY D 275 2.69 6.82 -35.60
CA GLY D 275 2.67 6.33 -36.97
C GLY D 275 3.96 5.70 -37.47
N VAL D 276 4.83 5.24 -36.57
CA VAL D 276 6.12 4.66 -36.95
C VAL D 276 5.96 3.15 -37.00
N VAL D 277 6.08 2.57 -38.20
CA VAL D 277 5.82 1.14 -38.41
C VAL D 277 7.08 0.56 -39.04
N SER D 278 7.99 0.04 -38.20
CA SER D 278 9.25 -0.51 -38.68
C SER D 278 9.39 -2.01 -38.43
N GLY D 279 8.50 -2.61 -37.64
CA GLY D 279 8.63 -4.01 -37.28
C GLY D 279 9.55 -4.29 -36.12
N LEU D 280 10.34 -3.31 -35.69
CA LEU D 280 11.26 -3.52 -34.57
C LEU D 280 10.54 -3.79 -33.26
N PRO D 281 9.53 -3.01 -32.84
CA PRO D 281 8.90 -3.30 -31.54
C PRO D 281 8.26 -4.67 -31.48
N GLU D 282 7.74 -5.19 -32.59
CA GLU D 282 7.14 -6.52 -32.56
C GLU D 282 8.20 -7.61 -32.42
N LEU D 283 9.35 -7.42 -33.07
CA LEU D 283 10.45 -8.37 -32.90
C LEU D 283 10.92 -8.40 -31.46
N LEU D 284 11.04 -7.23 -30.83
CA LEU D 284 11.69 -7.14 -29.53
C LEU D 284 10.80 -7.67 -28.41
N THR D 285 9.51 -7.34 -28.43
CA THR D 285 8.63 -7.85 -27.39
C THR D 285 8.40 -9.35 -27.54
N GLU D 286 8.39 -9.87 -28.77
CA GLU D 286 8.22 -11.29 -28.96
C GLU D 286 9.45 -12.06 -28.48
N LEU D 287 10.64 -11.53 -28.77
CA LEU D 287 11.88 -12.19 -28.34
C LEU D 287 11.98 -12.21 -26.82
N THR D 288 11.84 -11.04 -26.18
CA THR D 288 11.91 -10.98 -24.73
C THR D 288 10.76 -11.77 -24.08
N GLY D 289 9.57 -11.74 -24.70
CA GLY D 289 8.45 -12.49 -24.16
C GLY D 289 8.71 -13.99 -24.11
N ARG D 290 9.37 -14.52 -25.15
CA ARG D 290 9.73 -15.94 -25.12
C ARG D 290 10.71 -16.24 -23.99
N ALA D 291 11.62 -15.32 -23.71
CA ALA D 291 12.56 -15.52 -22.61
C ALA D 291 11.86 -15.38 -21.27
N ILE D 292 10.89 -14.47 -21.18
CA ILE D 292 10.14 -14.30 -19.94
C ILE D 292 9.28 -15.51 -19.66
N THR D 293 8.56 -15.99 -20.68
CA THR D 293 7.75 -17.21 -20.54
C THR D 293 8.61 -18.37 -20.05
N ALA D 294 9.86 -18.45 -20.52
CA ALA D 294 10.79 -19.46 -20.04
C ALA D 294 11.25 -19.22 -18.61
N GLY D 295 10.90 -18.08 -18.02
CA GLY D 295 11.21 -17.82 -16.63
C GLY D 295 12.49 -17.05 -16.40
N HIS D 296 13.04 -16.38 -17.41
CA HIS D 296 14.32 -15.70 -17.31
C HIS D 296 14.18 -14.19 -17.22
N GLY D 297 13.01 -13.70 -16.80
CA GLY D 297 12.79 -12.26 -16.76
C GLY D 297 13.77 -11.52 -15.87
N ASN D 298 14.32 -12.19 -14.85
CA ASN D 298 15.28 -11.58 -13.95
C ASN D 298 16.70 -11.53 -14.53
N ASP D 299 16.88 -11.90 -15.81
CA ASP D 299 18.19 -11.93 -16.41
C ASP D 299 18.45 -10.68 -17.24
N SER D 300 19.67 -10.57 -17.75
CA SER D 300 20.06 -9.46 -18.61
C SER D 300 19.68 -9.76 -20.06
N TYR D 301 19.91 -8.75 -20.92
CA TYR D 301 19.62 -8.89 -22.34
C TYR D 301 20.42 -10.02 -22.98
N ALA D 302 21.60 -10.32 -22.45
CA ALA D 302 22.45 -11.34 -23.03
C ALA D 302 21.83 -12.73 -22.99
N ARG D 303 20.88 -12.97 -22.09
CA ARG D 303 20.19 -14.25 -22.06
C ARG D 303 19.47 -14.53 -23.38
N LEU D 304 19.10 -13.47 -24.10
CA LEU D 304 18.36 -13.62 -25.35
C LEU D 304 19.16 -14.31 -26.45
N VAL D 305 20.47 -14.49 -26.28
CA VAL D 305 21.24 -15.26 -27.26
C VAL D 305 20.74 -16.69 -27.31
N GLU D 306 20.22 -17.21 -26.19
CA GLU D 306 19.71 -18.56 -26.14
C GLU D 306 18.42 -18.74 -26.95
N PHE D 307 17.82 -17.66 -27.42
CA PHE D 307 16.56 -17.71 -28.12
C PHE D 307 16.67 -17.32 -29.58
N ILE D 308 17.86 -16.95 -30.04
CA ILE D 308 18.13 -16.79 -31.46
C ILE D 308 19.07 -17.86 -32.00
N ARG D 309 19.73 -18.60 -31.12
CA ARG D 309 20.67 -19.64 -31.53
C ARG D 309 19.98 -20.99 -31.61
N LYS D 310 20.60 -21.91 -32.33
CA LYS D 310 20.11 -23.28 -32.42
C LYS D 310 20.36 -24.03 -31.12
I IOD E . 15.75 29.10 -0.78
I IOD F . 21.76 28.37 -3.94
CL CL G . 6.59 7.83 -4.97
I IOD H . 1.88 11.40 -26.33
C1 GOL I . 6.09 -14.34 10.74
O1 GOL I . 5.75 -13.66 9.56
C2 GOL I . 5.42 -15.74 10.69
O2 GOL I . 4.30 -15.84 11.52
C3 GOL I . 5.05 -15.99 9.22
O3 GOL I . 4.58 -17.30 9.12
I IOD J . -2.79 -15.26 24.77
I IOD K . 3.44 6.24 -0.63
I IOD L . -46.17 -10.46 43.90
I IOD M . -53.91 20.72 54.16
CL CL N . -50.26 23.69 49.17
I IOD O . 30.55 -21.48 -44.93
C1 EDO P . 47.96 -28.73 -48.14
O1 EDO P . 48.23 -29.07 -46.79
C2 EDO P . 46.46 -28.60 -48.41
O2 EDO P . 46.20 -28.57 -49.82
CL CL Q . 36.80 -5.74 -58.36
#